data_7ZXU
#
_entry.id   7ZXU
#
_cell.length_a   84.106
_cell.length_b   100.436
_cell.length_c   105.443
_cell.angle_alpha   90.000
_cell.angle_beta   90.000
_cell.angle_gamma   90.000
#
_symmetry.space_group_name_H-M   'P 21 21 21'
#
loop_
_entity.id
_entity.type
_entity.pdbx_description
1 polymer 'Spike protein S1'
2 polymer 'Nanobody C1'
3 polymer 'Beta-27 heavy chain'
4 polymer 'Beta-27 light chain'
5 non-polymer GLYCEROL
6 non-polymer 'ISOPROPYL ALCOHOL'
7 non-polymer 2-acetamido-2-deoxy-beta-D-glucopyranose
8 non-polymer 'TETRAETHYLENE GLYCOL'
9 water water
#
loop_
_entity_poly.entity_id
_entity_poly.type
_entity_poly.pdbx_seq_one_letter_code
_entity_poly.pdbx_strand_id
1 'polypeptide(L)'
;HHHHHHTNLCPFDEVFNATRFASVYAWNRKRISNCVADYSVLYNFAPFFAFKCYGVSPTKLNDLCFTNVYADSFVIRGNE
VSQIAPGQTGNIADYNYKLPDDFTGCVIAWNSNKLDSKVGGNYNYRYRLFRKSNLKPFERDISTEIYQAGNKPCNGVAGV
NCYFPLQSYGFRPTYGVGHQPYRVVVLSFELLHAPATVCGKK
;
E
2 'polypeptide(L)'
;QVQLVESGGGLVQPGGSLRLSCAASGFTNDFYSIAWFRQAPGKEREGVSWLSVSDNTPTYVDSVKDRFTISRHNANNTVY
LQMNMLKPEDTAIYYCAAGRFAGRDTWPSSYDYWGQGTQVTVSSKHHHHHH
;
A
3 'polypeptide(L)'
;EVQLLESGGGLVQPGGSLRLSCAASGLTVRSNYMNWVRQAPGKGLEWVSLIYSGGSTFYADSVKGRFTISRHDSKNTLYL
QMNSLRAEDTAVYYCARDLVVYGMDVWGQGTTVTVSSASTKGPSVFPLAPSSKSTSGGTAALGCLVKDYFPEPVTVSWNS
GALTSGVHTFPAVLQSSGLYSLSSVVTVPSSSLGTQTYICNVNHKPSNTKVDKKVEPKSCDK
;
H
4 'polypeptide(L)'
;DIQMTQSPGTLSLSPGERATLSCRASQSVSSSSLAWYQQKHGQAPRLLIYGTSSRATGIPDRFSGSGSGTDFTLTISGLE
PEDFAVYYCQQYGSSPLFGGGTKVEIKRTVAAPSVFIFPPSDEQLKSGTASVVCLLNNFYPREAKVQWKVDNALQSGNSQ
ESVTEQDSKDSTYSLSSTLTLSKADYEKHKVYACEVTHQGLSSPVTKSFNRGEC
;
L
#
# COMPACT_ATOMS: atom_id res chain seq x y z
N HIS A 5 -43.16 -8.83 44.37
CA HIS A 5 -41.77 -8.59 44.74
C HIS A 5 -40.87 -9.69 44.18
N HIS A 6 -41.21 -10.16 42.98
CA HIS A 6 -40.47 -11.20 42.30
C HIS A 6 -39.45 -10.58 41.36
N THR A 7 -38.25 -11.16 41.33
CA THR A 7 -37.17 -10.65 40.49
C THR A 7 -37.14 -11.43 39.17
N ASN A 8 -37.14 -10.70 38.06
CA ASN A 8 -37.22 -11.28 36.74
C ASN A 8 -35.87 -11.27 36.03
N LEU A 9 -35.78 -12.07 34.97
CA LEU A 9 -34.57 -12.09 34.16
C LEU A 9 -34.41 -10.77 33.42
N CYS A 10 -33.16 -10.30 33.32
CA CYS A 10 -32.90 -9.07 32.59
C CYS A 10 -33.28 -9.24 31.13
N PRO A 11 -33.84 -8.23 30.49
CA PRO A 11 -34.29 -8.34 29.10
C PRO A 11 -33.15 -8.23 28.09
N PHE A 12 -32.18 -9.14 28.20
CA PHE A 12 -31.10 -9.18 27.23
C PHE A 12 -31.59 -9.65 25.86
N ASP A 13 -32.67 -10.43 25.83
CA ASP A 13 -33.24 -10.86 24.56
C ASP A 13 -33.62 -9.67 23.69
N GLU A 14 -34.14 -8.60 24.31
CA GLU A 14 -34.54 -7.43 23.55
C GLU A 14 -33.36 -6.68 22.93
N VAL A 15 -32.15 -6.88 23.47
CA VAL A 15 -30.96 -6.23 22.93
C VAL A 15 -30.34 -7.13 21.88
N PHE A 16 -30.00 -8.36 22.26
CA PHE A 16 -29.28 -9.25 21.37
C PHE A 16 -30.14 -9.71 20.19
N ASN A 17 -31.46 -9.82 20.38
CA ASN A 17 -32.34 -10.33 19.34
C ASN A 17 -33.27 -9.27 18.78
N ALA A 18 -32.90 -7.99 18.87
CA ALA A 18 -33.68 -6.95 18.23
C ALA A 18 -33.70 -7.17 16.72
N THR A 19 -34.86 -6.86 16.10
CA THR A 19 -35.00 -7.10 14.67
C THR A 19 -33.97 -6.30 13.87
N ARG A 20 -33.83 -5.02 14.19
CA ARG A 20 -32.85 -4.15 13.59
C ARG A 20 -31.98 -3.53 14.66
N PHE A 21 -30.73 -3.23 14.31
CA PHE A 21 -29.80 -2.55 15.19
C PHE A 21 -29.62 -1.12 14.71
N ALA A 22 -29.07 -0.30 15.60
CA ALA A 22 -28.79 1.09 15.26
C ALA A 22 -27.55 1.21 14.38
N SER A 23 -27.48 2.32 13.66
CA SER A 23 -26.22 2.69 13.02
C SER A 23 -25.21 3.06 14.10
N VAL A 24 -23.93 2.79 13.82
CA VAL A 24 -22.90 2.95 14.83
C VAL A 24 -22.75 4.41 15.25
N TYR A 25 -22.92 5.34 14.31
CA TYR A 25 -22.84 6.75 14.67
C TYR A 25 -23.97 7.15 15.61
N ALA A 26 -25.12 6.48 15.50
CA ALA A 26 -26.25 6.72 16.38
C ALA A 26 -26.49 5.49 17.25
N TRP A 27 -25.45 5.02 17.92
CA TRP A 27 -25.52 3.75 18.63
C TRP A 27 -26.58 3.79 19.74
N ASN A 28 -27.28 2.67 19.89
CA ASN A 28 -28.31 2.56 20.91
C ASN A 28 -27.71 2.22 22.27
N ARG A 29 -28.36 2.71 23.32
CA ARG A 29 -28.02 2.34 24.69
C ARG A 29 -29.27 1.89 25.42
N LYS A 30 -29.18 0.73 26.07
CA LYS A 30 -30.26 0.19 26.88
C LYS A 30 -29.80 0.16 28.33
N ARG A 31 -30.55 0.83 29.20
CA ARG A 31 -30.27 0.87 30.64
C ARG A 31 -30.99 -0.30 31.29
N ILE A 32 -30.24 -1.19 31.92
CA ILE A 32 -30.76 -2.43 32.49
C ILE A 32 -30.66 -2.35 34.01
N SER A 33 -31.78 -2.65 34.69
CA SER A 33 -31.82 -2.52 36.13
C SER A 33 -32.94 -3.38 36.69
N ASN A 34 -32.84 -3.67 37.99
CA ASN A 34 -33.86 -4.38 38.75
C ASN A 34 -34.22 -5.72 38.11
N CYS A 35 -33.19 -6.55 37.96
CA CYS A 35 -33.37 -7.85 37.30
C CYS A 35 -32.15 -8.72 37.59
N VAL A 36 -32.32 -10.02 37.36
CA VAL A 36 -31.25 -11.00 37.49
C VAL A 36 -30.72 -11.32 36.10
N ALA A 37 -29.40 -11.34 35.97
CA ALA A 37 -28.75 -11.58 34.68
C ALA A 37 -27.85 -12.81 34.79
N ASP A 38 -27.94 -13.69 33.80
CA ASP A 38 -27.01 -14.81 33.69
C ASP A 38 -26.03 -14.47 32.57
N TYR A 39 -24.82 -14.05 32.95
CA TYR A 39 -23.80 -13.71 31.97
C TYR A 39 -23.10 -14.94 31.41
N SER A 40 -22.96 -15.99 32.23
CA SER A 40 -22.33 -17.22 31.75
C SER A 40 -23.10 -17.84 30.60
N VAL A 41 -24.43 -17.69 30.59
CA VAL A 41 -25.24 -18.19 29.48
C VAL A 41 -24.87 -17.45 28.19
N LEU A 42 -24.73 -16.13 28.28
CA LEU A 42 -24.26 -15.37 27.13
C LEU A 42 -22.85 -15.77 26.72
N TYR A 43 -21.97 -15.97 27.72
CA TYR A 43 -20.58 -16.26 27.44
C TYR A 43 -20.39 -17.60 26.74
N ASN A 44 -21.25 -18.58 27.04
CA ASN A 44 -21.16 -19.90 26.43
C ASN A 44 -21.99 -20.02 25.17
N PHE A 45 -22.59 -18.92 24.69
CA PHE A 45 -23.34 -18.92 23.45
C PHE A 45 -22.35 -18.93 22.29
N ALA A 46 -22.28 -20.05 21.57
CA ALA A 46 -21.25 -20.23 20.55
C ALA A 46 -21.31 -19.20 19.42
N PRO A 47 -22.47 -18.80 18.90
CA PRO A 47 -22.46 -17.80 17.80
C PRO A 47 -21.77 -16.50 18.15
N PHE A 48 -21.64 -16.15 19.43
CA PHE A 48 -20.83 -14.99 19.83
C PHE A 48 -19.37 -15.34 19.59
N PHE A 49 -18.92 -15.17 18.34
CA PHE A 49 -17.53 -15.46 18.01
C PHE A 49 -16.56 -14.49 18.67
N ALA A 50 -17.03 -13.30 19.03
CA ALA A 50 -16.26 -12.35 19.82
C ALA A 50 -16.98 -12.14 21.14
N PHE A 51 -16.30 -12.47 22.24
CA PHE A 51 -16.81 -12.21 23.59
C PHE A 51 -15.60 -11.90 24.46
N LYS A 52 -15.41 -10.63 24.78
CA LYS A 52 -14.19 -10.17 25.44
C LYS A 52 -14.56 -9.25 26.60
N CYS A 53 -14.00 -9.53 27.77
CA CYS A 53 -14.16 -8.68 28.94
C CYS A 53 -12.81 -8.19 29.41
N TYR A 54 -12.80 -7.04 30.09
CA TYR A 54 -11.57 -6.34 30.41
C TYR A 54 -11.46 -6.16 31.91
N GLY A 55 -10.36 -6.67 32.48
CA GLY A 55 -10.13 -6.60 33.91
C GLY A 55 -11.01 -7.51 34.75
N VAL A 56 -11.85 -8.33 34.13
CA VAL A 56 -12.76 -9.22 34.84
C VAL A 56 -12.94 -10.48 34.03
N SER A 57 -13.08 -11.62 34.72
CA SER A 57 -13.32 -12.78 33.87
C SER A 57 -14.81 -12.93 33.62
N PRO A 58 -15.20 -13.35 32.41
CA PRO A 58 -16.63 -13.44 32.09
C PRO A 58 -17.41 -14.38 33.00
N THR A 59 -16.77 -15.41 33.55
CA THR A 59 -17.45 -16.32 34.45
C THR A 59 -17.57 -15.77 35.87
N LYS A 60 -16.85 -14.69 36.18
CA LYS A 60 -16.98 -14.05 37.49
C LYS A 60 -18.17 -13.09 37.55
N LEU A 61 -18.67 -12.65 36.39
CA LEU A 61 -19.75 -11.67 36.36
C LEU A 61 -20.99 -12.15 37.10
N ASN A 62 -21.24 -13.46 37.13
CA ASN A 62 -22.42 -13.97 37.81
C ASN A 62 -22.33 -13.84 39.32
N ASP A 63 -21.14 -13.60 39.87
CA ASP A 63 -20.97 -13.42 41.30
C ASP A 63 -21.05 -11.97 41.73
N LEU A 64 -21.28 -11.05 40.81
CA LEU A 64 -21.22 -9.62 41.10
C LEU A 64 -22.60 -8.98 40.98
N CYS A 65 -22.79 -7.92 41.76
CA CYS A 65 -23.99 -7.10 41.72
C CYS A 65 -23.60 -5.67 41.34
N PHE A 66 -24.47 -5.02 40.56
CA PHE A 66 -24.22 -3.66 40.11
C PHE A 66 -25.48 -2.83 40.27
N THR A 67 -25.29 -1.51 40.31
CA THR A 67 -26.43 -0.60 40.38
C THR A 67 -27.22 -0.64 39.08
N ASN A 68 -26.53 -0.46 37.95
CA ASN A 68 -27.14 -0.59 36.63
C ASN A 68 -26.14 -1.22 35.69
N VAL A 69 -26.67 -1.78 34.59
CA VAL A 69 -25.87 -2.27 33.49
C VAL A 69 -26.34 -1.57 32.22
N TYR A 70 -25.39 -1.15 31.39
CA TYR A 70 -25.68 -0.52 30.11
C TYR A 70 -25.31 -1.47 28.98
N ALA A 71 -26.21 -1.60 28.01
CA ALA A 71 -25.98 -2.42 26.82
C ALA A 71 -26.04 -1.50 25.61
N ASP A 72 -24.87 -1.19 25.05
CA ASP A 72 -24.79 -0.44 23.81
C ASP A 72 -24.74 -1.41 22.64
N SER A 73 -25.48 -1.09 21.57
CA SER A 73 -25.55 -1.99 20.43
C SER A 73 -25.59 -1.19 19.12
N PHE A 74 -24.99 -1.77 18.09
CA PHE A 74 -24.86 -1.12 16.78
C PHE A 74 -24.32 -2.16 15.80
N VAL A 75 -24.19 -1.74 14.54
CA VAL A 75 -23.65 -2.58 13.47
C VAL A 75 -22.47 -1.87 12.83
N ILE A 76 -21.40 -2.62 12.59
CA ILE A 76 -20.24 -2.17 11.82
C ILE A 76 -19.86 -3.29 10.86
N ARG A 77 -18.85 -3.05 10.03
CA ARG A 77 -18.36 -4.12 9.18
C ARG A 77 -17.33 -4.97 9.93
N GLY A 78 -17.07 -6.15 9.38
CA GLY A 78 -16.30 -7.14 10.10
C GLY A 78 -14.90 -6.68 10.48
N ASN A 79 -14.20 -6.04 9.55
CA ASN A 79 -12.82 -5.64 9.83
C ASN A 79 -12.72 -4.43 10.75
N GLU A 80 -13.85 -3.92 11.26
CA GLU A 80 -13.87 -2.84 12.23
C GLU A 80 -14.18 -3.34 13.64
N VAL A 81 -14.47 -4.63 13.81
CA VAL A 81 -14.78 -5.17 15.12
C VAL A 81 -13.63 -4.95 16.09
N SER A 82 -12.39 -5.03 15.60
CA SER A 82 -11.23 -4.84 16.46
C SER A 82 -11.12 -3.43 17.00
N GLN A 83 -11.85 -2.46 16.44
CA GLN A 83 -11.83 -1.11 16.96
C GLN A 83 -12.73 -0.92 18.18
N ILE A 84 -13.65 -1.85 18.43
CA ILE A 84 -14.50 -1.78 19.62
C ILE A 84 -13.74 -2.39 20.78
N ALA A 85 -12.72 -1.67 21.26
CA ALA A 85 -11.87 -2.14 22.34
C ALA A 85 -11.17 -0.93 22.94
N PRO A 86 -10.73 -0.99 24.20
CA PRO A 86 -10.01 0.14 24.78
C PRO A 86 -8.67 0.35 24.09
N GLY A 87 -8.31 1.62 23.94
CA GLY A 87 -7.04 1.98 23.36
C GLY A 87 -6.95 1.89 21.85
N GLN A 88 -8.08 1.78 21.16
CA GLN A 88 -8.09 1.62 19.71
C GLN A 88 -8.20 2.97 19.01
N THR A 89 -7.72 3.00 17.77
CA THR A 89 -7.86 4.16 16.89
C THR A 89 -8.41 3.69 15.56
N GLY A 90 -8.79 4.65 14.72
CA GLY A 90 -9.46 4.39 13.47
C GLY A 90 -10.80 5.09 13.37
N ASN A 91 -11.41 4.97 12.19
CA ASN A 91 -12.61 5.75 11.89
C ASN A 91 -13.74 5.46 12.88
N ILE A 92 -13.86 4.21 13.33
CA ILE A 92 -14.95 3.86 14.24
C ILE A 92 -14.62 4.29 15.66
N ALA A 93 -13.45 3.88 16.17
CA ALA A 93 -13.07 4.24 17.54
C ALA A 93 -12.97 5.75 17.71
N ASP A 94 -12.50 6.45 16.68
CA ASP A 94 -12.29 7.89 16.81
C ASP A 94 -13.57 8.68 16.59
N TYR A 95 -14.37 8.32 15.59
CA TYR A 95 -15.45 9.18 15.13
C TYR A 95 -16.84 8.60 15.35
N ASN A 96 -16.97 7.37 15.86
CA ASN A 96 -18.30 6.77 15.93
C ASN A 96 -18.66 6.22 17.31
N TYR A 97 -17.83 5.34 17.86
CA TYR A 97 -18.07 4.78 19.18
C TYR A 97 -16.73 4.56 19.87
N LYS A 98 -16.55 5.21 21.02
CA LYS A 98 -15.26 5.23 21.70
C LYS A 98 -15.41 4.62 23.08
N LEU A 99 -14.58 3.62 23.38
CA LEU A 99 -14.46 3.05 24.71
C LEU A 99 -13.35 3.77 25.48
N PRO A 100 -13.51 3.97 26.78
CA PRO A 100 -12.43 4.59 27.57
C PRO A 100 -11.26 3.64 27.74
N ASP A 101 -10.08 4.24 27.95
CA ASP A 101 -8.86 3.44 28.10
C ASP A 101 -8.94 2.50 29.29
N ASP A 102 -9.62 2.91 30.36
CA ASP A 102 -9.74 2.09 31.57
C ASP A 102 -11.04 1.30 31.61
N PHE A 103 -11.60 0.99 30.44
CA PHE A 103 -12.82 0.20 30.34
C PHE A 103 -12.68 -1.13 31.06
N THR A 104 -13.72 -1.52 31.81
CA THR A 104 -13.72 -2.80 32.52
C THR A 104 -15.00 -3.59 32.26
N GLY A 105 -15.61 -3.41 31.10
CA GLY A 105 -16.80 -4.15 30.71
C GLY A 105 -16.51 -5.25 29.71
N CYS A 106 -17.50 -5.55 28.87
CA CYS A 106 -17.40 -6.64 27.91
C CYS A 106 -17.87 -6.20 26.54
N VAL A 107 -17.27 -6.78 25.50
CA VAL A 107 -17.62 -6.53 24.11
C VAL A 107 -18.03 -7.84 23.46
N ILE A 108 -19.19 -7.85 22.82
CA ILE A 108 -19.75 -9.04 22.18
C ILE A 108 -20.07 -8.70 20.73
N ALA A 109 -19.73 -9.60 19.82
CA ALA A 109 -19.91 -9.35 18.39
C ALA A 109 -20.15 -10.65 17.65
N TRP A 110 -21.03 -10.61 16.65
CA TRP A 110 -21.30 -11.79 15.84
C TRP A 110 -21.72 -11.34 14.44
N ASN A 111 -21.43 -12.19 13.46
CA ASN A 111 -21.78 -11.92 12.06
C ASN A 111 -23.29 -11.84 11.90
N SER A 112 -23.75 -10.78 11.24
CA SER A 112 -25.18 -10.57 11.01
C SER A 112 -25.51 -10.43 9.54
N ASN A 113 -24.72 -11.09 8.69
CA ASN A 113 -24.92 -11.00 7.24
C ASN A 113 -26.33 -11.41 6.84
N LYS A 114 -26.85 -12.49 7.43
CA LYS A 114 -28.17 -12.98 7.05
C LYS A 114 -29.26 -11.99 7.42
N LEU A 115 -29.05 -11.18 8.46
CA LEU A 115 -30.07 -10.27 8.94
C LEU A 115 -29.95 -8.87 8.33
N ASP A 116 -28.73 -8.37 8.14
CA ASP A 116 -28.52 -6.97 7.83
C ASP A 116 -28.08 -6.70 6.39
N SER A 117 -27.49 -7.68 5.71
CA SER A 117 -27.15 -7.50 4.30
C SER A 117 -28.40 -7.64 3.45
N LYS A 118 -28.49 -6.83 2.41
CA LYS A 118 -29.63 -6.85 1.50
C LYS A 118 -29.14 -6.86 0.06
N VAL A 119 -29.84 -7.60 -0.79
CA VAL A 119 -29.59 -7.51 -2.23
C VAL A 119 -29.83 -6.07 -2.67
N GLY A 120 -28.86 -5.52 -3.39
CA GLY A 120 -28.88 -4.11 -3.73
C GLY A 120 -28.30 -3.20 -2.67
N GLY A 121 -27.90 -3.75 -1.53
CA GLY A 121 -27.23 -2.98 -0.50
C GLY A 121 -28.17 -2.52 0.59
N ASN A 122 -27.67 -2.48 1.82
CA ASN A 122 -28.38 -1.90 2.95
C ASN A 122 -27.69 -0.57 3.28
N TYR A 123 -28.20 0.50 2.68
CA TYR A 123 -27.62 1.82 2.87
C TYR A 123 -28.12 2.52 4.13
N ASN A 124 -29.01 1.88 4.89
CA ASN A 124 -29.52 2.48 6.12
C ASN A 124 -28.54 2.35 7.28
N TYR A 125 -27.62 1.39 7.24
CA TYR A 125 -26.55 1.33 8.22
C TYR A 125 -25.44 2.29 7.81
N ARG A 126 -25.14 3.26 8.66
CA ARG A 126 -24.23 4.33 8.31
CA ARG A 126 -24.23 4.33 8.31
C ARG A 126 -23.18 4.52 9.41
N TYR A 127 -22.12 5.23 9.06
CA TYR A 127 -21.04 5.56 9.97
C TYR A 127 -20.57 6.98 9.63
N ARG A 128 -19.94 7.63 10.59
CA ARG A 128 -19.40 8.97 10.39
C ARG A 128 -17.99 8.85 9.81
N LEU A 129 -17.80 9.41 8.61
CA LEU A 129 -16.50 9.37 7.95
C LEU A 129 -15.66 10.60 8.26
N PHE A 130 -16.28 11.77 8.33
CA PHE A 130 -15.57 13.03 8.53
C PHE A 130 -15.94 13.62 9.89
N ARG A 131 -14.93 13.91 10.69
CA ARG A 131 -15.12 14.60 11.96
C ARG A 131 -13.82 15.31 12.31
N LYS A 132 -13.93 16.49 12.95
CA LYS A 132 -12.75 17.30 13.16
C LYS A 132 -11.90 16.79 14.32
N SER A 133 -12.51 16.20 15.35
CA SER A 133 -11.77 15.71 16.49
CA SER A 133 -11.77 15.72 16.51
C SER A 133 -12.41 14.41 16.98
N ASN A 134 -11.66 13.69 17.82
CA ASN A 134 -12.11 12.39 18.31
C ASN A 134 -13.29 12.54 19.28
N LEU A 135 -14.12 11.51 19.32
CA LEU A 135 -15.18 11.43 20.32
C LEU A 135 -14.59 11.17 21.70
N LYS A 136 -15.26 11.70 22.71
CA LYS A 136 -14.99 11.28 24.07
C LYS A 136 -15.58 9.89 24.29
N PRO A 137 -15.10 9.17 25.30
CA PRO A 137 -15.68 7.84 25.58
C PRO A 137 -17.18 7.93 25.83
N PHE A 138 -17.91 7.02 25.17
CA PHE A 138 -19.36 6.92 25.29
C PHE A 138 -20.07 8.19 24.81
N GLU A 139 -19.50 8.87 23.82
CA GLU A 139 -20.14 10.02 23.19
C GLU A 139 -20.86 9.57 21.93
N ARG A 140 -22.03 10.16 21.69
CA ARG A 140 -22.88 9.84 20.55
CA ARG A 140 -22.87 9.84 20.54
C ARG A 140 -23.11 11.12 19.75
N ASP A 141 -22.59 11.17 18.53
CA ASP A 141 -22.71 12.34 17.66
C ASP A 141 -23.62 11.98 16.49
N ILE A 142 -24.79 12.62 16.44
CA ILE A 142 -25.76 12.38 15.37
C ILE A 142 -25.90 13.59 14.47
N SER A 143 -24.97 14.53 14.54
CA SER A 143 -25.04 15.71 13.68
CA SER A 143 -25.03 15.71 13.69
C SER A 143 -24.85 15.33 12.22
N THR A 144 -25.59 16.01 11.35
CA THR A 144 -25.48 15.81 9.91
C THR A 144 -25.05 17.09 9.21
N GLU A 145 -24.38 17.99 9.94
CA GLU A 145 -23.90 19.24 9.36
C GLU A 145 -22.85 18.96 8.29
N ILE A 146 -22.87 19.77 7.23
CA ILE A 146 -21.86 19.64 6.18
C ILE A 146 -20.49 19.87 6.78
N TYR A 147 -19.54 19.02 6.43
CA TYR A 147 -18.21 19.04 7.01
C TYR A 147 -17.31 19.98 6.21
N GLN A 148 -16.73 20.97 6.90
CA GLN A 148 -15.86 21.96 6.28
C GLN A 148 -14.43 21.43 6.29
N ALA A 149 -13.90 21.10 5.11
CA ALA A 149 -12.55 20.58 4.97
C ALA A 149 -11.57 21.62 4.44
N GLY A 150 -12.01 22.86 4.28
CA GLY A 150 -11.15 23.94 3.82
C GLY A 150 -11.40 25.23 4.58
N ASN A 151 -10.80 26.33 4.13
CA ASN A 151 -10.94 27.59 4.83
C ASN A 151 -12.23 28.33 4.48
N LYS A 152 -13.04 27.79 3.57
CA LYS A 152 -14.26 28.51 3.21
C LYS A 152 -15.47 27.87 3.87
N PRO A 153 -16.40 28.67 4.37
CA PRO A 153 -17.61 28.11 5.00
C PRO A 153 -18.49 27.43 3.97
N CYS A 154 -19.20 26.39 4.43
CA CYS A 154 -20.03 25.59 3.54
C CYS A 154 -21.46 26.08 3.45
N ASN A 155 -21.98 26.69 4.52
CA ASN A 155 -23.35 27.21 4.54
C ASN A 155 -24.37 26.13 4.22
N GLY A 156 -24.14 24.93 4.76
CA GLY A 156 -25.07 23.82 4.56
C GLY A 156 -25.13 23.29 3.15
N VAL A 157 -24.15 23.58 2.31
CA VAL A 157 -24.15 23.17 0.91
C VAL A 157 -22.91 22.33 0.66
N ALA A 158 -23.11 21.09 0.22
CA ALA A 158 -21.99 20.22 -0.11
C ALA A 158 -21.32 20.70 -1.40
N GLY A 159 -19.99 20.54 -1.43
CA GLY A 159 -19.21 20.96 -2.58
C GLY A 159 -17.73 20.73 -2.37
N VAL A 160 -16.89 21.56 -3.01
CA VAL A 160 -15.45 21.47 -2.80
C VAL A 160 -15.15 21.74 -1.32
N ASN A 161 -14.45 20.80 -0.68
CA ASN A 161 -14.10 20.90 0.73
C ASN A 161 -15.32 21.00 1.62
N CYS A 162 -16.46 20.50 1.15
CA CYS A 162 -17.73 20.56 1.89
C CYS A 162 -18.46 19.25 1.63
N TYR A 163 -18.40 18.35 2.62
CA TYR A 163 -18.84 16.98 2.42
C TYR A 163 -19.88 16.59 3.46
N PHE A 164 -20.86 15.80 3.03
CA PHE A 164 -21.75 15.16 3.98
C PHE A 164 -20.93 14.24 4.88
N PRO A 165 -21.10 14.32 6.21
CA PRO A 165 -20.19 13.59 7.11
C PRO A 165 -20.50 12.11 7.22
N LEU A 166 -21.69 11.67 6.88
CA LEU A 166 -22.10 10.28 7.05
C LEU A 166 -21.98 9.53 5.72
N GLN A 167 -21.61 8.25 5.81
CA GLN A 167 -21.51 7.38 4.66
C GLN A 167 -22.20 6.06 4.97
N SER A 168 -22.79 5.45 3.95
CA SER A 168 -23.54 4.21 4.10
C SER A 168 -22.62 3.01 3.91
N TYR A 169 -22.87 1.96 4.69
CA TYR A 169 -22.14 0.70 4.50
C TYR A 169 -22.59 -0.02 3.25
N GLY A 170 -23.89 0.02 2.95
CA GLY A 170 -24.40 -0.66 1.77
C GLY A 170 -24.22 -2.17 1.78
N PHE A 171 -24.43 -2.80 2.94
CA PHE A 171 -24.14 -4.22 3.11
C PHE A 171 -24.87 -5.07 2.07
N ARG A 172 -24.12 -5.97 1.45
CA ARG A 172 -24.62 -6.90 0.44
C ARG A 172 -24.19 -8.32 0.80
N PRO A 173 -25.02 -9.32 0.46
CA PRO A 173 -24.65 -10.71 0.82
C PRO A 173 -23.35 -11.18 0.19
N THR A 174 -22.95 -10.61 -0.95
CA THR A 174 -21.78 -11.08 -1.67
C THR A 174 -20.47 -10.52 -1.15
N TYR A 175 -20.50 -9.61 -0.17
CA TYR A 175 -19.27 -9.11 0.43
C TYR A 175 -18.58 -10.21 1.23
N GLY A 176 -17.26 -10.12 1.33
CA GLY A 176 -16.51 -10.98 2.23
C GLY A 176 -16.75 -10.59 3.68
N VAL A 177 -16.28 -11.45 4.60
CA VAL A 177 -16.58 -11.26 6.02
C VAL A 177 -16.03 -9.93 6.51
N GLY A 178 -14.91 -9.46 5.93
CA GLY A 178 -14.36 -8.18 6.34
C GLY A 178 -15.31 -7.01 6.11
N HIS A 179 -16.15 -7.10 5.08
CA HIS A 179 -17.09 -6.05 4.76
C HIS A 179 -18.55 -6.43 5.02
N GLN A 180 -18.79 -7.63 5.57
CA GLN A 180 -20.12 -8.00 5.99
C GLN A 180 -20.47 -7.30 7.31
N PRO A 181 -21.76 -7.18 7.61
CA PRO A 181 -22.14 -6.52 8.87
C PRO A 181 -21.95 -7.43 10.06
N TYR A 182 -21.54 -6.84 11.18
CA TYR A 182 -21.44 -7.53 12.47
C TYR A 182 -22.23 -6.72 13.50
N ARG A 183 -23.09 -7.41 14.24
CA ARG A 183 -23.80 -6.79 15.35
C ARG A 183 -22.93 -6.83 16.59
N VAL A 184 -22.89 -5.72 17.32
CA VAL A 184 -22.02 -5.54 18.46
C VAL A 184 -22.85 -5.13 19.66
N VAL A 185 -22.56 -5.72 20.83
CA VAL A 185 -23.17 -5.32 22.08
C VAL A 185 -22.05 -5.08 23.09
N VAL A 186 -22.04 -3.89 23.69
CA VAL A 186 -21.05 -3.52 24.69
C VAL A 186 -21.73 -3.42 26.04
N LEU A 187 -21.25 -4.19 27.01
CA LEU A 187 -21.81 -4.20 28.35
C LEU A 187 -20.91 -3.38 29.27
N SER A 188 -21.46 -2.35 29.90
CA SER A 188 -20.77 -1.57 30.91
CA SER A 188 -20.78 -1.55 30.90
C SER A 188 -21.50 -1.71 32.24
N PHE A 189 -20.73 -1.77 33.32
CA PHE A 189 -21.26 -2.02 34.64
C PHE A 189 -21.04 -0.80 35.53
N GLU A 190 -22.13 -0.33 36.16
CA GLU A 190 -22.12 0.90 36.93
C GLU A 190 -22.27 0.58 38.41
N LEU A 191 -21.39 1.18 39.23
CA LEU A 191 -21.43 1.03 40.68
C LEU A 191 -21.53 2.40 41.30
N LEU A 192 -22.61 2.65 42.03
CA LEU A 192 -22.85 3.93 42.68
C LEU A 192 -23.05 3.72 44.18
N HIS A 193 -23.16 4.82 44.91
CA HIS A 193 -23.49 4.78 46.33
C HIS A 193 -25.00 4.57 46.49
N ALA A 194 -25.44 3.38 46.08
CA ALA A 194 -26.84 3.03 46.05
C ALA A 194 -26.95 1.51 46.07
N PRO A 195 -28.11 0.97 46.46
CA PRO A 195 -28.28 -0.49 46.43
C PRO A 195 -28.15 -1.02 45.01
N ALA A 196 -27.55 -2.20 44.89
CA ALA A 196 -27.39 -2.84 43.59
C ALA A 196 -28.69 -3.49 43.15
N THR A 197 -29.02 -3.32 41.86
CA THR A 197 -30.27 -3.83 41.31
C THR A 197 -30.08 -4.92 40.27
N VAL A 198 -28.85 -5.13 39.78
CA VAL A 198 -28.58 -6.17 38.80
C VAL A 198 -27.53 -7.11 39.39
N CYS A 199 -27.92 -8.36 39.59
CA CYS A 199 -27.01 -9.38 40.10
C CYS A 199 -27.03 -10.59 39.17
N GLY A 200 -26.02 -11.44 39.34
CA GLY A 200 -25.98 -12.72 38.66
C GLY A 200 -26.63 -13.82 39.49
N LYS A 201 -26.92 -14.93 38.83
CA LYS A 201 -27.56 -16.06 39.50
C LYS A 201 -26.58 -16.79 40.41
N GLN B 1 6.41 -5.79 27.35
CA GLN B 1 7.34 -6.85 27.71
C GLN B 1 6.69 -8.21 27.53
N VAL B 2 5.59 -8.24 26.79
CA VAL B 2 4.96 -9.52 26.43
C VAL B 2 5.83 -10.22 25.39
N GLN B 3 6.07 -11.52 25.61
CA GLN B 3 6.81 -12.33 24.65
C GLN B 3 6.14 -13.68 24.53
N LEU B 4 6.05 -14.19 23.30
CA LEU B 4 5.44 -15.48 23.02
C LEU B 4 6.48 -16.37 22.36
N VAL B 5 6.76 -17.52 22.98
CA VAL B 5 7.72 -18.49 22.47
C VAL B 5 6.96 -19.78 22.15
N GLU B 6 7.02 -20.19 20.89
CA GLU B 6 6.34 -21.41 20.46
C GLU B 6 7.35 -22.49 20.07
N SER B 7 6.86 -23.72 20.02
CA SER B 7 7.63 -24.88 19.61
C SER B 7 6.65 -26.04 19.42
N GLY B 8 7.16 -27.13 18.83
CA GLY B 8 6.41 -28.36 18.72
C GLY B 8 5.89 -28.71 17.35
N GLY B 9 6.15 -27.89 16.33
CA GLY B 9 5.72 -28.22 14.98
C GLY B 9 6.50 -29.39 14.40
N GLY B 10 6.18 -29.70 13.16
CA GLY B 10 6.90 -30.75 12.45
C GLY B 10 6.03 -31.38 11.38
N LEU B 11 6.49 -32.52 10.91
CA LEU B 11 5.84 -33.28 9.86
CA LEU B 11 5.84 -33.29 9.85
C LEU B 11 5.22 -34.55 10.43
N VAL B 12 4.02 -34.88 9.96
CA VAL B 12 3.28 -36.04 10.44
C VAL B 12 2.48 -36.64 9.28
N GLN B 13 2.14 -37.91 9.42
CA GLN B 13 1.29 -38.55 8.43
C GLN B 13 -0.18 -38.36 8.80
N PRO B 14 -1.11 -38.54 7.85
CA PRO B 14 -2.53 -38.40 8.18
C PRO B 14 -2.96 -39.37 9.27
N GLY B 15 -3.58 -38.83 10.32
CA GLY B 15 -3.95 -39.60 11.48
C GLY B 15 -2.99 -39.48 12.64
N GLY B 16 -1.82 -38.88 12.44
CA GLY B 16 -0.85 -38.73 13.51
C GLY B 16 -1.19 -37.59 14.44
N SER B 17 -0.40 -37.47 15.50
CA SER B 17 -0.60 -36.46 16.52
C SER B 17 0.59 -35.50 16.55
N LEU B 18 0.36 -34.32 17.10
CA LEU B 18 1.37 -33.29 17.23
C LEU B 18 0.93 -32.34 18.34
N ARG B 19 1.87 -31.90 19.16
CA ARG B 19 1.57 -31.01 20.27
C ARG B 19 2.35 -29.71 20.09
N LEU B 20 1.63 -28.60 20.08
CA LEU B 20 2.23 -27.27 20.06
C LEU B 20 2.19 -26.66 21.46
N SER B 21 3.16 -25.80 21.74
CA SER B 21 3.24 -25.12 23.02
C SER B 21 3.52 -23.64 22.79
N CYS B 22 2.99 -22.82 23.69
CA CYS B 22 3.21 -21.38 23.63
C CYS B 22 3.47 -20.87 25.04
N ALA B 23 4.72 -20.48 25.30
CA ALA B 23 5.10 -19.92 26.60
C ALA B 23 4.88 -18.41 26.55
N ALA B 24 3.86 -17.95 27.27
CA ALA B 24 3.52 -16.54 27.33
C ALA B 24 4.06 -15.93 28.61
N SER B 25 4.77 -14.80 28.48
CA SER B 25 5.34 -14.11 29.62
C SER B 25 5.19 -12.61 29.42
N GLY B 26 5.27 -11.87 30.52
CA GLY B 26 5.23 -10.42 30.46
C GLY B 26 3.89 -9.80 30.83
N PHE B 27 2.83 -10.60 30.96
CA PHE B 27 1.56 -10.05 31.37
C PHE B 27 1.57 -9.72 32.87
N THR B 28 0.78 -8.73 33.25
CA THR B 28 0.74 -8.25 34.63
C THR B 28 -0.46 -8.79 35.41
N ASN B 29 -1.34 -9.53 34.75
CA ASN B 29 -2.45 -10.21 35.41
C ASN B 29 -2.89 -11.36 34.52
N ASP B 30 -3.88 -12.11 34.98
CA ASP B 30 -4.37 -13.28 34.25
C ASP B 30 -5.49 -12.96 33.28
N PHE B 31 -5.90 -11.69 33.17
CA PHE B 31 -7.01 -11.35 32.30
C PHE B 31 -6.55 -11.13 30.86
N TYR B 32 -5.79 -12.07 30.33
CA TYR B 32 -5.42 -12.11 28.93
C TYR B 32 -5.88 -13.45 28.35
N SER B 33 -5.74 -13.59 27.04
CA SER B 33 -6.24 -14.76 26.35
C SER B 33 -5.27 -15.20 25.26
N ILE B 34 -5.19 -16.52 25.06
CA ILE B 34 -4.27 -17.12 24.10
C ILE B 34 -5.10 -17.77 23.00
N ALA B 35 -4.66 -17.59 21.75
CA ALA B 35 -5.33 -18.19 20.60
C ALA B 35 -4.29 -18.80 19.68
N TRP B 36 -4.70 -19.86 18.98
CA TRP B 36 -3.89 -20.47 17.94
C TRP B 36 -4.52 -20.16 16.59
N PHE B 37 -3.81 -19.37 15.78
CA PHE B 37 -4.18 -19.09 14.40
C PHE B 37 -3.30 -19.92 13.47
N ARG B 38 -3.87 -20.31 12.33
CA ARG B 38 -3.11 -21.01 11.31
C ARG B 38 -3.34 -20.35 9.95
N GLN B 39 -2.37 -20.52 9.06
CA GLN B 39 -2.38 -19.83 7.77
C GLN B 39 -1.88 -20.79 6.70
N ALA B 40 -2.79 -21.20 5.81
CA ALA B 40 -2.45 -22.06 4.69
C ALA B 40 -1.66 -21.26 3.64
N PRO B 41 -0.94 -21.94 2.75
CA PRO B 41 -0.07 -21.22 1.79
C PRO B 41 -0.75 -20.09 1.02
N GLY B 42 -1.97 -20.31 0.52
CA GLY B 42 -2.67 -19.29 -0.23
C GLY B 42 -3.89 -18.71 0.44
N LYS B 43 -4.18 -19.06 1.69
CA LYS B 43 -5.41 -18.66 2.36
C LYS B 43 -5.11 -17.61 3.44
N GLU B 44 -6.16 -17.25 4.17
CA GLU B 44 -6.08 -16.25 5.22
C GLU B 44 -5.76 -16.91 6.56
N ARG B 45 -5.27 -16.09 7.49
CA ARG B 45 -5.01 -16.55 8.84
C ARG B 45 -6.33 -16.72 9.61
N GLU B 46 -6.53 -17.91 10.16
CA GLU B 46 -7.78 -18.26 10.82
C GLU B 46 -7.51 -18.90 12.17
N GLY B 47 -8.26 -18.49 13.18
CA GLY B 47 -8.13 -19.10 14.49
C GLY B 47 -8.80 -20.47 14.53
N VAL B 48 -8.22 -21.37 15.31
CA VAL B 48 -8.73 -22.73 15.40
C VAL B 48 -9.06 -23.08 16.85
N SER B 49 -8.36 -22.44 17.80
CA SER B 49 -8.57 -22.75 19.21
C SER B 49 -8.25 -21.53 20.06
N TRP B 50 -8.98 -21.38 21.16
CA TRP B 50 -8.84 -20.24 22.06
C TRP B 50 -8.85 -20.73 23.51
N LEU B 51 -8.15 -19.99 24.37
CA LEU B 51 -8.19 -20.23 25.81
C LEU B 51 -8.15 -18.90 26.53
N SER B 52 -9.23 -18.58 27.25
CA SER B 52 -9.23 -17.45 28.17
C SER B 52 -8.56 -17.90 29.46
N VAL B 53 -7.47 -17.23 29.84
CA VAL B 53 -6.60 -17.74 30.90
C VAL B 53 -7.28 -17.67 32.25
N SER B 54 -7.86 -16.51 32.59
CA SER B 54 -8.39 -16.30 33.93
C SER B 54 -9.50 -17.30 34.27
N ASP B 55 -10.45 -17.47 33.36
CA ASP B 55 -11.55 -18.40 33.58
C ASP B 55 -11.29 -19.79 33.02
N ASN B 56 -10.15 -20.00 32.34
CA ASN B 56 -9.72 -21.31 31.87
C ASN B 56 -10.74 -21.94 30.91
N THR B 57 -11.35 -21.11 30.06
CA THR B 57 -12.38 -21.58 29.15
C THR B 57 -11.79 -21.84 27.77
N PRO B 58 -11.90 -23.04 27.24
CA PRO B 58 -11.44 -23.31 25.88
C PRO B 58 -12.54 -23.17 24.85
N THR B 59 -12.14 -22.83 23.63
CA THR B 59 -13.05 -22.72 22.50
C THR B 59 -12.37 -23.29 21.27
N TYR B 60 -13.16 -23.95 20.41
CA TYR B 60 -12.63 -24.61 19.22
C TYR B 60 -13.53 -24.33 18.03
N VAL B 61 -12.92 -24.23 16.85
CA VAL B 61 -13.72 -24.22 15.63
C VAL B 61 -14.25 -25.63 15.36
N ASP B 62 -15.30 -25.69 14.54
CA ASP B 62 -16.02 -26.95 14.36
C ASP B 62 -15.16 -28.00 13.65
N SER B 63 -14.24 -27.58 12.80
CA SER B 63 -13.44 -28.52 12.03
C SER B 63 -12.36 -29.21 12.87
N VAL B 64 -12.11 -28.77 14.09
CA VAL B 64 -11.12 -29.37 14.97
C VAL B 64 -11.72 -29.84 16.28
N LYS B 65 -13.04 -29.77 16.44
CA LYS B 65 -13.65 -29.81 17.77
C LYS B 65 -13.32 -31.11 18.51
N ASP B 66 -13.36 -32.25 17.83
CA ASP B 66 -13.09 -33.53 18.46
C ASP B 66 -11.66 -34.02 18.20
N ARG B 67 -10.77 -33.13 17.79
CA ARG B 67 -9.41 -33.53 17.46
C ARG B 67 -8.38 -32.69 18.19
N PHE B 68 -8.72 -31.44 18.52
CA PHE B 68 -7.79 -30.52 19.17
C PHE B 68 -8.18 -30.29 20.62
N THR B 69 -7.18 -30.20 21.49
CA THR B 69 -7.40 -29.86 22.89
C THR B 69 -6.40 -28.77 23.26
N ILE B 70 -6.91 -27.65 23.77
CA ILE B 70 -6.07 -26.55 24.25
C ILE B 70 -6.14 -26.52 25.77
N SER B 71 -4.98 -26.32 26.40
CA SER B 71 -4.89 -26.33 27.85
C SER B 71 -3.69 -25.50 28.27
N ARG B 72 -3.60 -25.23 29.57
CA ARG B 72 -2.53 -24.41 30.13
C ARG B 72 -1.95 -25.08 31.35
N HIS B 73 -0.62 -25.06 31.44
CA HIS B 73 0.10 -25.50 32.64
C HIS B 73 0.55 -24.25 33.38
N ASN B 74 0.00 -24.04 34.58
CA ASN B 74 0.24 -22.80 35.29
C ASN B 74 1.69 -22.67 35.76
N ALA B 75 2.37 -23.80 35.98
CA ALA B 75 3.72 -23.75 36.54
C ALA B 75 4.69 -23.07 35.59
N ASN B 76 4.66 -23.43 34.31
CA ASN B 76 5.59 -22.88 33.33
C ASN B 76 4.93 -21.87 32.39
N ASN B 77 3.72 -21.42 32.72
CA ASN B 77 3.04 -20.35 31.97
C ASN B 77 2.93 -20.70 30.48
N THR B 78 2.66 -21.97 30.19
CA THR B 78 2.68 -22.48 28.82
C THR B 78 1.29 -23.01 28.46
N VAL B 79 0.81 -22.60 27.28
CA VAL B 79 -0.45 -23.08 26.73
C VAL B 79 -0.14 -24.12 25.66
N TYR B 80 -0.76 -25.29 25.76
CA TYR B 80 -0.50 -26.40 24.87
C TYR B 80 -1.70 -26.64 23.96
N LEU B 81 -1.42 -26.96 22.70
CA LEU B 81 -2.43 -27.35 21.73
C LEU B 81 -2.12 -28.77 21.28
N GLN B 82 -2.86 -29.73 21.80
CA GLN B 82 -2.73 -31.11 21.38
C GLN B 82 -3.58 -31.34 20.14
N MET B 83 -2.94 -31.73 19.03
CA MET B 83 -3.62 -31.94 17.76
C MET B 83 -3.56 -33.41 17.41
N ASN B 84 -4.70 -34.09 17.53
CA ASN B 84 -4.82 -35.50 17.20
C ASN B 84 -5.62 -35.67 15.90
N MET B 85 -5.48 -36.86 15.32
CA MET B 85 -6.18 -37.22 14.08
C MET B 85 -5.97 -36.16 13.01
N LEU B 86 -4.72 -35.75 12.83
CA LEU B 86 -4.40 -34.68 11.90
C LEU B 86 -4.72 -35.07 10.47
N LYS B 87 -5.28 -34.12 9.73
CA LYS B 87 -5.67 -34.29 8.34
C LYS B 87 -4.80 -33.41 7.44
N PRO B 88 -4.68 -33.77 6.16
CA PRO B 88 -3.91 -32.92 5.24
C PRO B 88 -4.38 -31.48 5.20
N GLU B 89 -5.67 -31.24 5.44
CA GLU B 89 -6.20 -29.89 5.47
C GLU B 89 -5.63 -29.07 6.63
N ASP B 90 -5.05 -29.73 7.63
CA ASP B 90 -4.46 -29.05 8.78
C ASP B 90 -3.08 -28.48 8.48
N THR B 91 -2.51 -28.73 7.31
CA THR B 91 -1.19 -28.22 6.96
C THR B 91 -1.23 -26.69 6.87
N ALA B 92 -0.40 -26.03 7.67
CA ALA B 92 -0.34 -24.57 7.70
C ALA B 92 0.78 -24.17 8.66
N ILE B 93 1.08 -22.87 8.67
CA ILE B 93 1.89 -22.27 9.72
C ILE B 93 0.97 -21.90 10.87
N TYR B 94 1.28 -22.39 12.07
CA TYR B 94 0.46 -22.13 13.25
C TYR B 94 1.11 -21.06 14.10
N TYR B 95 0.34 -20.03 14.44
CA TYR B 95 0.80 -18.90 15.22
C TYR B 95 0.14 -18.89 16.60
N CYS B 96 0.93 -18.64 17.63
CA CYS B 96 0.37 -18.29 18.93
C CYS B 96 0.09 -16.80 18.95
N ALA B 97 -1.09 -16.43 19.43
CA ALA B 97 -1.47 -15.03 19.56
C ALA B 97 -2.01 -14.78 20.97
N ALA B 98 -1.79 -13.56 21.45
CA ALA B 98 -2.21 -13.17 22.78
C ALA B 98 -2.98 -11.87 22.71
N GLY B 99 -4.10 -11.81 23.44
CA GLY B 99 -4.96 -10.64 23.45
C GLY B 99 -5.12 -10.11 24.86
N ARG B 100 -5.13 -8.79 24.99
CA ARG B 100 -5.25 -8.13 26.29
CA ARG B 100 -5.24 -8.14 26.30
C ARG B 100 -6.72 -8.04 26.70
N PHE B 101 -7.32 -9.21 26.92
CA PHE B 101 -8.72 -9.31 27.31
C PHE B 101 -9.00 -10.74 27.76
N ALA B 102 -10.04 -10.89 28.57
CA ALA B 102 -10.52 -12.21 28.96
C ALA B 102 -11.62 -12.63 27.99
N GLY B 103 -11.36 -13.69 27.23
CA GLY B 103 -12.34 -14.17 26.28
C GLY B 103 -11.77 -14.60 24.95
N ARG B 104 -12.49 -14.33 23.86
CA ARG B 104 -12.16 -14.89 22.57
C ARG B 104 -12.56 -13.92 21.47
N ASP B 105 -11.90 -14.06 20.32
CA ASP B 105 -12.21 -13.25 19.15
C ASP B 105 -11.62 -13.95 17.93
N THR B 106 -12.37 -13.96 16.83
CA THR B 106 -11.93 -14.63 15.61
C THR B 106 -11.08 -13.75 14.70
N TRP B 107 -11.02 -12.45 14.95
CA TRP B 107 -10.30 -11.55 14.06
C TRP B 107 -8.83 -11.49 14.46
N PRO B 108 -7.89 -11.79 13.57
CA PRO B 108 -6.47 -11.63 13.90
C PRO B 108 -6.11 -10.23 14.37
N SER B 109 -6.75 -9.20 13.83
CA SER B 109 -6.45 -7.83 14.21
C SER B 109 -6.82 -7.52 15.66
N SER B 110 -7.57 -8.40 16.33
CA SER B 110 -7.92 -8.17 17.73
C SER B 110 -6.84 -8.64 18.69
N TYR B 111 -5.80 -9.31 18.21
CA TYR B 111 -4.71 -9.83 19.04
C TYR B 111 -3.47 -8.98 18.81
N ASP B 112 -2.92 -8.43 19.89
CA ASP B 112 -1.80 -7.52 19.80
C ASP B 112 -0.44 -8.20 19.75
N TYR B 113 -0.34 -9.44 20.21
CA TYR B 113 0.94 -10.12 20.32
C TYR B 113 0.91 -11.41 19.53
N TRP B 114 2.00 -11.66 18.79
CA TRP B 114 2.08 -12.80 17.89
C TRP B 114 3.44 -13.45 18.01
N GLY B 115 3.45 -14.78 18.03
CA GLY B 115 4.69 -15.52 17.95
C GLY B 115 5.18 -15.59 16.52
N GLN B 116 6.37 -16.19 16.36
CA GLN B 116 6.96 -16.29 15.03
C GLN B 116 6.26 -17.31 14.14
N GLY B 117 5.49 -18.22 14.73
CA GLY B 117 4.82 -19.24 13.94
C GLY B 117 5.65 -20.48 13.77
N THR B 118 4.96 -21.63 13.73
CA THR B 118 5.61 -22.91 13.55
C THR B 118 4.91 -23.68 12.43
N GLN B 119 5.70 -24.38 11.63
CA GLN B 119 5.18 -25.08 10.47
C GLN B 119 4.63 -26.46 10.87
N VAL B 120 3.41 -26.75 10.43
CA VAL B 120 2.78 -28.05 10.62
C VAL B 120 2.42 -28.60 9.25
N THR B 121 2.88 -29.82 8.95
CA THR B 121 2.63 -30.44 7.65
C THR B 121 2.11 -31.86 7.85
N VAL B 122 1.03 -32.18 7.14
CA VAL B 122 0.45 -33.51 7.14
C VAL B 122 0.59 -34.08 5.74
N SER B 123 1.14 -35.30 5.64
CA SER B 123 1.66 -35.85 4.39
C SER B 123 0.53 -36.47 3.57
N SER B 124 -0.13 -35.65 2.76
CA SER B 124 -1.10 -36.12 1.77
C SER B 124 -2.19 -37.02 2.35
N GLU C 1 -8.27 27.70 -5.10
CA GLU C 1 -6.84 27.37 -5.10
C GLU C 1 -6.54 26.24 -4.13
N VAL C 2 -6.70 25.00 -4.60
CA VAL C 2 -6.49 23.80 -3.79
C VAL C 2 -5.25 23.09 -4.35
N GLN C 3 -4.17 23.10 -3.58
CA GLN C 3 -2.92 22.50 -4.05
C GLN C 3 -2.08 22.05 -2.86
N LEU C 4 -1.12 21.19 -3.16
CA LEU C 4 -0.15 20.70 -2.18
C LEU C 4 1.24 20.84 -2.76
N LEU C 5 2.20 21.25 -1.93
CA LEU C 5 3.55 21.57 -2.38
C LEU C 5 4.55 20.95 -1.41
N GLU C 6 5.26 19.92 -1.87
CA GLU C 6 6.24 19.24 -1.04
C GLU C 6 7.61 19.92 -1.15
N SER C 7 8.44 19.67 -0.13
CA SER C 7 9.83 20.12 -0.13
C SER C 7 10.58 19.30 0.91
N GLY C 8 11.89 19.52 0.99
CA GLY C 8 12.73 18.89 1.98
C GLY C 8 13.47 17.65 1.50
N GLY C 9 13.17 17.16 0.31
CA GLY C 9 13.88 15.99 -0.20
C GLY C 9 15.32 16.30 -0.54
N GLY C 10 16.14 15.26 -0.55
CA GLY C 10 17.54 15.42 -0.87
C GLY C 10 18.31 14.13 -0.75
N LEU C 11 19.62 14.26 -0.61
CA LEU C 11 20.52 13.12 -0.53
C LEU C 11 20.95 12.91 0.92
N VAL C 12 20.80 11.68 1.40
CA VAL C 12 21.18 11.30 2.76
C VAL C 12 21.89 9.96 2.69
N GLN C 13 22.90 9.78 3.53
CA GLN C 13 23.56 8.49 3.62
C GLN C 13 22.73 7.53 4.45
N PRO C 14 22.93 6.22 4.27
CA PRO C 14 22.15 5.24 5.04
C PRO C 14 22.31 5.46 6.54
N GLY C 15 21.19 5.36 7.26
CA GLY C 15 21.15 5.64 8.68
C GLY C 15 20.87 7.07 9.05
N GLY C 16 20.87 7.99 8.07
CA GLY C 16 20.62 9.38 8.34
C GLY C 16 19.14 9.71 8.44
N SER C 17 18.87 10.99 8.70
CA SER C 17 17.51 11.48 8.87
CA SER C 17 17.50 11.47 8.86
C SER C 17 17.20 12.57 7.86
N LEU C 18 15.91 12.76 7.60
CA LEU C 18 15.43 13.77 6.66
C LEU C 18 13.99 14.09 7.02
N ARG C 19 13.60 15.36 6.90
CA ARG C 19 12.25 15.81 7.23
C ARG C 19 11.63 16.44 6.00
N LEU C 20 10.49 15.90 5.59
CA LEU C 20 9.75 16.41 4.44
C LEU C 20 8.64 17.33 4.89
N SER C 21 8.31 18.29 4.03
CA SER C 21 7.23 19.25 4.29
C SER C 21 6.25 19.22 3.14
N CYS C 22 4.99 19.57 3.44
CA CYS C 22 3.92 19.59 2.45
C CYS C 22 2.99 20.74 2.80
N ALA C 23 3.17 21.88 2.15
CA ALA C 23 2.39 23.08 2.42
C ALA C 23 1.08 23.04 1.64
N ALA C 24 -0.04 23.15 2.35
CA ALA C 24 -1.35 23.10 1.73
C ALA C 24 -1.92 24.50 1.55
N SER C 25 -2.82 24.63 0.58
CA SER C 25 -3.63 25.84 0.42
C SER C 25 -5.02 25.42 -0.05
N GLY C 26 -6.01 26.23 0.30
CA GLY C 26 -7.39 25.88 0.02
C GLY C 26 -7.93 24.90 1.05
N LEU C 27 -7.46 23.66 0.99
CA LEU C 27 -7.77 22.69 2.03
C LEU C 27 -6.92 22.96 3.26
N THR C 28 -7.39 22.48 4.41
CA THR C 28 -6.71 22.65 5.67
C THR C 28 -6.28 21.29 6.19
N VAL C 29 -4.99 21.13 6.47
CA VAL C 29 -4.48 19.85 6.96
C VAL C 29 -5.11 19.49 8.29
N ARG C 30 -5.50 20.49 9.08
CA ARG C 30 -6.13 20.24 10.37
C ARG C 30 -7.42 19.45 10.23
N SER C 31 -8.13 19.61 9.12
CA SER C 31 -9.47 19.06 8.95
C SER C 31 -9.54 17.85 8.02
N ASN C 32 -8.41 17.34 7.53
CA ASN C 32 -8.43 16.31 6.51
C ASN C 32 -7.62 15.09 6.91
N TYR C 33 -8.02 13.93 6.38
CA TYR C 33 -7.11 12.80 6.25
C TYR C 33 -6.00 13.19 5.28
N MET C 34 -4.74 13.05 5.71
CA MET C 34 -3.60 13.38 4.87
C MET C 34 -2.66 12.18 4.79
N ASN C 35 -2.19 11.89 3.57
CA ASN C 35 -1.34 10.75 3.30
C ASN C 35 0.03 11.18 2.79
N TRP C 36 1.03 10.35 3.06
CA TRP C 36 2.28 10.34 2.31
C TRP C 36 2.33 9.06 1.50
N VAL C 37 2.62 9.19 0.21
CA VAL C 37 2.68 8.07 -0.72
C VAL C 37 3.96 8.21 -1.53
N ARG C 38 4.75 7.13 -1.60
CA ARG C 38 6.05 7.19 -2.25
C ARG C 38 6.08 6.27 -3.47
N GLN C 39 7.08 6.50 -4.32
CA GLN C 39 7.25 5.74 -5.55
C GLN C 39 8.74 5.58 -5.83
N ALA C 40 9.24 4.35 -5.69
CA ALA C 40 10.63 4.05 -6.00
C ALA C 40 10.85 4.12 -7.51
N PRO C 41 12.10 4.32 -7.95
CA PRO C 41 12.36 4.46 -9.40
C PRO C 41 11.87 3.24 -10.18
N GLY C 42 10.98 3.48 -11.14
CA GLY C 42 10.46 2.42 -11.97
C GLY C 42 9.46 1.49 -11.30
N LYS C 43 8.98 1.83 -10.11
CA LYS C 43 8.07 0.98 -9.36
C LYS C 43 6.73 1.67 -9.16
N GLY C 44 5.83 1.00 -8.43
CA GLY C 44 4.48 1.49 -8.25
C GLY C 44 4.33 2.37 -7.02
N LEU C 45 3.10 2.83 -6.81
CA LEU C 45 2.78 3.68 -5.68
C LEU C 45 2.68 2.84 -4.40
N GLU C 46 3.26 3.34 -3.32
CA GLU C 46 3.20 2.68 -2.02
C GLU C 46 2.75 3.69 -0.98
N TRP C 47 1.60 3.45 -0.38
CA TRP C 47 1.17 4.27 0.75
C TRP C 47 2.13 4.07 1.92
N VAL C 48 2.42 5.15 2.63
CA VAL C 48 3.46 5.19 3.64
C VAL C 48 2.91 5.59 5.01
N SER C 49 2.12 6.66 5.06
CA SER C 49 1.67 7.16 6.35
C SER C 49 0.37 7.94 6.16
N LEU C 50 -0.43 7.99 7.23
CA LEU C 50 -1.72 8.64 7.25
C LEU C 50 -1.94 9.29 8.60
N ILE C 51 -2.49 10.50 8.60
CA ILE C 51 -2.87 11.18 9.83
C ILE C 51 -4.33 11.64 9.71
N TYR C 52 -5.13 11.32 10.71
CA TYR C 52 -6.51 11.76 10.78
C TYR C 52 -6.57 13.22 11.21
N SER C 53 -7.69 13.87 10.87
CA SER C 53 -7.96 15.20 11.44
C SER C 53 -8.01 15.13 12.96
N GLY C 54 -8.57 14.05 13.50
CA GLY C 54 -8.62 13.85 14.94
C GLY C 54 -7.29 13.53 15.58
N GLY C 55 -6.26 13.25 14.79
CA GLY C 55 -4.91 13.08 15.30
C GLY C 55 -4.35 11.67 15.22
N SER C 56 -5.19 10.66 14.96
CA SER C 56 -4.67 9.30 14.87
C SER C 56 -3.74 9.16 13.67
N THR C 57 -2.68 8.38 13.84
CA THR C 57 -1.69 8.15 12.80
C THR C 57 -1.55 6.67 12.52
N PHE C 58 -1.23 6.36 11.26
CA PHE C 58 -1.05 4.98 10.82
C PHE C 58 0.12 4.92 9.85
N TYR C 59 0.79 3.78 9.82
CA TYR C 59 2.03 3.62 9.06
C TYR C 59 2.05 2.28 8.35
N ALA C 60 2.71 2.26 7.19
CA ALA C 60 3.02 0.99 6.54
C ALA C 60 4.06 0.24 7.36
N ASP C 61 4.02 -1.09 7.26
CA ASP C 61 5.00 -1.91 7.99
C ASP C 61 6.43 -1.56 7.60
N SER C 62 6.64 -1.19 6.33
CA SER C 62 8.00 -0.94 5.83
C SER C 62 8.65 0.28 6.49
N VAL C 63 7.88 1.15 7.13
CA VAL C 63 8.41 2.36 7.73
C VAL C 63 8.07 2.49 9.22
N LYS C 64 7.41 1.49 9.80
CA LYS C 64 7.04 1.57 11.21
C LYS C 64 8.28 1.66 12.09
N GLY C 65 8.19 2.53 13.11
CA GLY C 65 9.30 2.77 14.02
C GLY C 65 10.34 3.75 13.52
N ARG C 66 10.33 4.09 12.24
CA ARG C 66 11.31 5.00 11.65
C ARG C 66 10.71 6.31 11.17
N PHE C 67 9.53 6.29 10.57
CA PHE C 67 8.89 7.49 10.05
C PHE C 67 7.87 8.02 11.06
N THR C 68 7.67 9.33 11.05
CA THR C 68 6.67 9.96 11.90
C THR C 68 5.96 11.05 11.10
N ILE C 69 4.64 10.97 11.02
CA ILE C 69 3.83 11.96 10.32
C ILE C 69 3.28 12.94 11.36
N SER C 70 3.21 14.22 10.97
CA SER C 70 2.72 15.26 11.86
C SER C 70 2.28 16.44 11.01
N ARG C 71 1.73 17.46 11.67
CA ARG C 71 1.24 18.63 10.95
C ARG C 71 1.39 19.87 11.83
N HIS C 72 1.38 21.02 11.18
CA HIS C 72 1.31 22.32 11.85
C HIS C 72 0.05 23.02 11.36
N ASP C 73 -0.92 23.17 12.27
CA ASP C 73 -2.23 23.67 11.86
C ASP C 73 -2.16 25.11 11.36
N SER C 74 -1.43 25.97 12.06
CA SER C 74 -1.36 27.38 11.67
C SER C 74 -0.62 27.55 10.35
N LYS C 75 0.50 26.86 10.18
CA LYS C 75 1.23 26.91 8.91
C LYS C 75 0.53 26.11 7.81
N ASN C 76 -0.50 25.33 8.15
CA ASN C 76 -1.24 24.53 7.18
C ASN C 76 -0.29 23.63 6.39
N THR C 77 0.61 22.96 7.13
CA THR C 77 1.68 22.18 6.54
C THR C 77 1.73 20.79 7.14
N LEU C 78 1.92 19.79 6.29
CA LEU C 78 2.11 18.41 6.69
C LEU C 78 3.60 18.07 6.69
N TYR C 79 4.01 17.18 7.60
CA TYR C 79 5.41 16.80 7.73
C TYR C 79 5.55 15.29 7.72
N LEU C 80 6.74 14.84 7.34
CA LEU C 80 7.11 13.43 7.47
C LEU C 80 8.55 13.37 7.95
N GLN C 81 8.74 13.04 9.22
CA GLN C 81 10.08 12.84 9.78
C GLN C 81 10.54 11.44 9.44
N MET C 82 11.68 11.33 8.76
CA MET C 82 12.22 10.05 8.30
C MET C 82 13.56 9.81 8.99
N ASN C 83 13.60 8.84 9.89
CA ASN C 83 14.81 8.45 10.60
C ASN C 83 15.30 7.09 10.12
N SER C 84 16.59 6.85 10.37
CA SER C 84 17.22 5.56 10.08
C SER C 84 16.97 5.12 8.64
N LEU C 85 17.23 6.05 7.71
CA LEU C 85 16.89 5.83 6.32
C LEU C 85 17.72 4.70 5.72
N ARG C 86 17.10 3.96 4.80
CA ARG C 86 17.72 2.84 4.11
C ARG C 86 17.69 3.10 2.61
N ALA C 87 18.51 2.33 1.88
CA ALA C 87 18.57 2.49 0.43
C ALA C 87 17.22 2.28 -0.22
N GLU C 88 16.41 1.36 0.32
CA GLU C 88 15.09 1.08 -0.24
C GLU C 88 14.07 2.17 0.08
N ASP C 89 14.44 3.19 0.84
CA ASP C 89 13.60 4.35 1.05
C ASP C 89 13.76 5.39 -0.06
N THR C 90 14.69 5.18 -0.98
CA THR C 90 14.86 6.07 -2.12
C THR C 90 13.61 6.05 -2.99
N ALA C 91 13.00 7.22 -3.17
CA ALA C 91 11.73 7.31 -3.88
C ALA C 91 11.34 8.79 -4.03
N VAL C 92 10.37 9.04 -4.90
CA VAL C 92 9.64 10.29 -4.89
C VAL C 92 8.54 10.18 -3.85
N TYR C 93 8.43 11.18 -2.99
CA TYR C 93 7.44 11.18 -1.91
C TYR C 93 6.36 12.21 -2.22
N TYR C 94 5.11 11.76 -2.28
CA TYR C 94 3.96 12.61 -2.53
C TYR C 94 3.15 12.73 -1.24
N CYS C 95 2.64 13.94 -0.99
CA CYS C 95 1.56 14.11 -0.02
C CYS C 95 0.25 14.24 -0.78
N ALA C 96 -0.83 13.79 -0.14
CA ALA C 96 -2.14 13.79 -0.79
C ALA C 96 -3.22 13.96 0.28
N ARG C 97 -4.28 14.68 -0.09
CA ARG C 97 -5.46 14.77 0.76
C ARG C 97 -6.38 13.60 0.42
N ASP C 98 -6.83 12.90 1.45
CA ASP C 98 -7.62 11.69 1.29
C ASP C 98 -9.08 11.97 1.64
N LEU C 99 -9.97 11.73 0.69
CA LEU C 99 -11.41 11.76 0.94
C LEU C 99 -11.99 10.37 1.09
N VAL C 100 -11.14 9.33 1.09
CA VAL C 100 -11.52 7.94 1.33
C VAL C 100 -12.53 7.47 0.30
N VAL C 101 -13.83 7.64 0.60
CA VAL C 101 -14.85 7.19 -0.35
C VAL C 101 -14.83 8.00 -1.64
N TYR C 102 -14.30 9.22 -1.60
CA TYR C 102 -14.14 10.02 -2.79
C TYR C 102 -12.69 10.05 -3.29
N GLY C 103 -11.84 9.17 -2.78
CA GLY C 103 -10.49 9.03 -3.28
C GLY C 103 -9.54 10.12 -2.79
N MET C 104 -8.27 9.96 -3.15
CA MET C 104 -7.26 10.98 -2.91
C MET C 104 -7.32 11.97 -4.07
N ASP C 105 -8.06 13.06 -3.86
CA ASP C 105 -8.38 13.97 -4.95
C ASP C 105 -7.31 15.03 -5.22
N VAL C 106 -6.45 15.32 -4.25
CA VAL C 106 -5.44 16.36 -4.40
C VAL C 106 -4.08 15.74 -4.12
N TRP C 107 -3.15 15.94 -5.06
CA TRP C 107 -1.79 15.43 -4.96
C TRP C 107 -0.79 16.57 -5.13
N GLY C 108 0.31 16.50 -4.39
CA GLY C 108 1.44 17.37 -4.66
C GLY C 108 2.22 16.89 -5.88
N GLN C 109 3.30 17.62 -6.17
CA GLN C 109 4.16 17.26 -7.29
C GLN C 109 5.25 16.27 -6.91
N GLY C 110 5.49 16.07 -5.63
CA GLY C 110 6.49 15.12 -5.19
C GLY C 110 7.83 15.77 -4.89
N THR C 111 8.54 15.22 -3.92
CA THR C 111 9.91 15.60 -3.63
C THR C 111 10.76 14.34 -3.53
N THR C 112 11.96 14.40 -4.09
CA THR C 112 12.77 13.21 -4.29
C THR C 112 13.72 13.00 -3.12
N VAL C 113 13.72 11.78 -2.57
CA VAL C 113 14.63 11.38 -1.51
C VAL C 113 15.56 10.31 -2.07
N THR C 114 16.86 10.51 -1.89
CA THR C 114 17.88 9.55 -2.35
C THR C 114 18.72 9.16 -1.15
N VAL C 115 18.76 7.86 -0.86
CA VAL C 115 19.53 7.32 0.25
C VAL C 115 20.67 6.51 -0.34
N SER C 116 21.90 6.97 -0.12
CA SER C 116 23.07 6.34 -0.72
C SER C 116 24.32 6.85 -0.03
N SER C 117 25.32 5.98 0.05
CA SER C 117 26.63 6.35 0.57
C SER C 117 27.52 7.01 -0.48
N ALA C 118 27.05 7.13 -1.71
CA ALA C 118 27.85 7.75 -2.76
C ALA C 118 27.94 9.25 -2.54
N SER C 119 29.06 9.83 -2.98
CA SER C 119 29.29 11.26 -2.85
C SER C 119 28.83 11.99 -4.11
N THR C 120 28.33 13.21 -3.91
CA THR C 120 27.97 14.06 -5.03
C THR C 120 29.17 14.26 -5.94
N LYS C 121 28.96 14.05 -7.23
CA LYS C 121 30.05 14.16 -8.20
C LYS C 121 29.50 14.59 -9.54
N GLY C 122 30.18 15.54 -10.18
CA GLY C 122 29.82 15.99 -11.51
C GLY C 122 30.20 14.97 -12.56
N PRO C 123 29.53 15.00 -13.70
CA PRO C 123 29.81 14.02 -14.75
C PRO C 123 30.99 14.41 -15.63
N SER C 124 31.62 13.38 -16.19
CA SER C 124 32.49 13.55 -17.34
C SER C 124 31.63 13.43 -18.60
N VAL C 125 31.87 14.31 -19.56
CA VAL C 125 31.09 14.34 -20.79
C VAL C 125 32.03 14.02 -21.95
N PHE C 126 31.77 12.90 -22.61
CA PHE C 126 32.59 12.47 -23.73
C PHE C 126 31.77 12.45 -25.01
N PRO C 127 32.38 12.77 -26.15
CA PRO C 127 31.63 12.80 -27.40
C PRO C 127 31.39 11.41 -27.96
N LEU C 128 30.23 11.26 -28.59
CA LEU C 128 29.90 10.08 -29.39
C LEU C 128 29.97 10.54 -30.84
N ALA C 129 31.15 10.40 -31.45
CA ALA C 129 31.40 11.03 -32.73
C ALA C 129 30.63 10.31 -33.84
N PRO C 130 30.10 11.06 -34.81
CA PRO C 130 29.45 10.41 -35.96
C PRO C 130 30.49 9.79 -36.88
N SER C 131 30.08 8.74 -37.58
CA SER C 131 30.97 8.04 -38.50
C SER C 131 30.18 7.38 -39.62
N GLY C 138 22.56 8.43 -45.57
CA GLY C 138 21.49 9.39 -45.43
C GLY C 138 21.59 10.21 -44.17
N THR C 139 21.42 9.57 -43.02
CA THR C 139 21.45 10.24 -41.74
C THR C 139 22.55 9.66 -40.86
N ALA C 140 23.24 10.53 -40.13
CA ALA C 140 24.28 10.14 -39.19
C ALA C 140 23.79 10.35 -37.76
N ALA C 141 24.32 9.54 -36.86
CA ALA C 141 24.00 9.64 -35.44
C ALA C 141 25.22 10.13 -34.67
N LEU C 142 24.98 11.03 -33.72
CA LEU C 142 26.03 11.53 -32.85
C LEU C 142 25.41 11.76 -31.49
N GLY C 143 26.26 11.99 -30.50
CA GLY C 143 25.73 12.19 -29.16
C GLY C 143 26.81 12.51 -28.16
N CYS C 144 26.42 12.42 -26.89
CA CYS C 144 27.30 12.67 -25.76
C CYS C 144 27.07 11.62 -24.70
N LEU C 145 28.17 11.14 -24.11
CA LEU C 145 28.11 10.21 -22.99
C LEU C 145 28.33 10.99 -21.70
N VAL C 146 27.34 10.98 -20.83
CA VAL C 146 27.36 11.72 -19.57
C VAL C 146 27.63 10.70 -18.47
N LYS C 147 28.90 10.55 -18.09
CA LYS C 147 29.36 9.40 -17.32
C LYS C 147 29.76 9.79 -15.90
N ASP C 148 29.37 8.94 -14.94
CA ASP C 148 29.88 8.97 -13.57
C ASP C 148 29.49 10.23 -12.81
N TYR C 149 28.19 10.49 -12.72
CA TYR C 149 27.68 11.57 -11.89
C TYR C 149 26.78 10.99 -10.80
N PHE C 150 26.55 11.80 -9.77
CA PHE C 150 25.68 11.44 -8.66
C PHE C 150 25.37 12.70 -7.87
N PRO C 151 24.12 12.90 -7.43
CA PRO C 151 22.98 12.04 -7.76
C PRO C 151 22.24 12.51 -9.00
N GLU C 152 21.08 11.91 -9.26
CA GLU C 152 20.18 12.43 -10.29
C GLU C 152 19.69 13.81 -9.87
N PRO C 153 19.29 14.65 -10.84
CA PRO C 153 19.31 14.41 -12.27
C PRO C 153 20.36 15.25 -13.02
N VAL C 154 20.51 14.97 -14.31
CA VAL C 154 21.20 15.86 -15.23
C VAL C 154 20.21 16.27 -16.30
N THR C 155 20.43 17.44 -16.88
CA THR C 155 19.70 17.89 -18.06
C THR C 155 20.67 17.97 -19.23
N VAL C 156 20.16 17.66 -20.42
CA VAL C 156 20.95 17.73 -21.63
C VAL C 156 20.12 18.43 -22.70
N SER C 157 20.69 19.45 -23.31
CA SER C 157 20.14 20.08 -24.50
C SER C 157 21.19 20.03 -25.60
N TRP C 158 20.77 20.36 -26.82
CA TRP C 158 21.65 20.38 -27.96
C TRP C 158 21.58 21.74 -28.64
N ASN C 159 22.74 22.32 -28.92
CA ASN C 159 22.86 23.63 -29.55
C ASN C 159 22.03 24.67 -28.79
N SER C 160 22.12 24.62 -27.46
CA SER C 160 21.46 25.57 -26.57
C SER C 160 19.93 25.55 -26.74
N GLY C 161 19.38 24.40 -27.13
CA GLY C 161 17.96 24.25 -27.29
C GLY C 161 17.43 24.48 -28.69
N ALA C 162 18.28 24.87 -29.63
CA ALA C 162 17.83 25.03 -31.02
C ALA C 162 17.68 23.71 -31.74
N LEU C 163 18.31 22.65 -31.24
CA LEU C 163 18.21 21.32 -31.83
C LEU C 163 17.39 20.45 -30.87
N THR C 164 16.20 20.05 -31.32
CA THR C 164 15.31 19.23 -30.49
C THR C 164 14.83 18.02 -31.29
N SER C 165 14.72 18.19 -32.60
CA SER C 165 14.22 17.12 -33.46
C SER C 165 15.21 15.96 -33.50
N GLY C 166 14.70 14.75 -33.25
CA GLY C 166 15.53 13.56 -33.31
C GLY C 166 16.43 13.34 -32.12
N VAL C 167 16.29 14.13 -31.05
CA VAL C 167 17.10 13.95 -29.85
C VAL C 167 16.50 12.86 -28.99
N HIS C 168 17.34 11.93 -28.53
CA HIS C 168 16.95 10.92 -27.55
C HIS C 168 17.94 10.99 -26.40
N THR C 169 17.48 11.47 -25.23
CA THR C 169 18.28 11.49 -24.02
C THR C 169 17.79 10.34 -23.14
N PHE C 170 18.64 9.35 -22.94
CA PHE C 170 18.20 8.10 -22.33
C PHE C 170 18.14 8.21 -20.81
N PRO C 171 17.26 7.44 -20.18
CA PRO C 171 17.29 7.34 -18.71
C PRO C 171 18.63 6.83 -18.24
N ALA C 172 19.12 7.41 -17.15
CA ALA C 172 20.41 7.00 -16.60
C ALA C 172 20.33 5.57 -16.06
N VAL C 173 21.46 4.89 -16.09
CA VAL C 173 21.62 3.60 -15.44
C VAL C 173 22.52 3.80 -14.23
N LEU C 174 22.16 3.16 -13.12
CA LEU C 174 23.01 3.17 -11.94
C LEU C 174 24.09 2.11 -12.11
N GLN C 175 25.34 2.54 -12.13
CA GLN C 175 26.46 1.63 -12.31
C GLN C 175 26.82 0.96 -10.99
N SER C 176 27.61 -0.11 -11.08
CA SER C 176 28.02 -0.83 -9.87
C SER C 176 28.86 0.05 -8.95
N SER C 177 29.46 1.11 -9.46
CA SER C 177 30.19 2.05 -8.62
C SER C 177 29.27 2.94 -7.79
N GLY C 178 27.96 2.87 -8.01
CA GLY C 178 27.04 3.78 -7.35
C GLY C 178 26.84 5.09 -8.06
N LEU C 179 27.50 5.30 -9.20
CA LEU C 179 27.38 6.52 -9.98
C LEU C 179 26.49 6.28 -11.19
N TYR C 180 25.83 7.33 -11.65
CA TYR C 180 24.94 7.24 -12.80
C TYR C 180 25.69 7.54 -14.09
N SER C 181 25.12 7.07 -15.20
CA SER C 181 25.66 7.33 -16.52
C SER C 181 24.51 7.28 -17.52
N LEU C 182 24.56 8.16 -18.50
CA LEU C 182 23.57 8.15 -19.57
C LEU C 182 24.21 8.67 -20.86
N SER C 183 23.51 8.44 -21.96
CA SER C 183 23.87 8.99 -23.25
C SER C 183 22.72 9.83 -23.78
N SER C 184 23.06 10.87 -24.53
CA SER C 184 22.10 11.67 -25.27
C SER C 184 22.52 11.64 -26.72
N VAL C 185 21.62 11.20 -27.60
CA VAL C 185 21.95 11.06 -29.01
C VAL C 185 21.01 11.92 -29.84
N VAL C 186 21.43 12.17 -31.08
CA VAL C 186 20.61 12.88 -32.05
C VAL C 186 21.02 12.41 -33.44
N THR C 187 20.06 12.29 -34.33
CA THR C 187 20.30 11.93 -35.71
C THR C 187 20.06 13.14 -36.60
N VAL C 188 21.04 13.46 -37.44
CA VAL C 188 20.96 14.62 -38.34
C VAL C 188 21.30 14.14 -39.74
N PRO C 189 20.93 14.91 -40.77
CA PRO C 189 21.38 14.57 -42.12
C PRO C 189 22.89 14.56 -42.20
N SER C 190 23.44 13.50 -42.81
CA SER C 190 24.89 13.39 -42.92
C SER C 190 25.49 14.53 -43.73
N SER C 191 24.67 15.21 -44.53
CA SER C 191 25.16 16.33 -45.33
C SER C 191 25.52 17.55 -44.48
N SER C 192 25.07 17.60 -43.23
CA SER C 192 25.26 18.77 -42.38
C SER C 192 26.43 18.62 -41.41
N LEU C 193 27.15 17.50 -41.44
CA LEU C 193 28.24 17.30 -40.49
C LEU C 193 29.38 18.28 -40.72
N GLY C 194 29.64 18.65 -41.97
CA GLY C 194 30.70 19.58 -42.28
C GLY C 194 30.31 21.03 -42.30
N THR C 195 29.03 21.34 -42.10
CA THR C 195 28.54 22.72 -42.16
C THR C 195 27.87 23.19 -40.89
N GLN C 196 27.51 22.29 -39.97
CA GLN C 196 26.77 22.64 -38.77
C GLN C 196 27.51 22.11 -37.55
N THR C 197 27.74 22.99 -36.57
CA THR C 197 28.29 22.56 -35.30
C THR C 197 27.22 21.88 -34.46
N TYR C 198 27.63 20.90 -33.65
CA TYR C 198 26.74 20.19 -32.76
C TYR C 198 27.38 20.15 -31.37
N ILE C 199 26.71 20.75 -30.39
CA ILE C 199 27.22 20.88 -29.04
C ILE C 199 26.14 20.41 -28.08
N CYS C 200 26.51 19.50 -27.18
CA CYS C 200 25.59 19.06 -26.14
C CYS C 200 25.84 19.90 -24.88
N ASN C 201 24.76 20.38 -24.28
CA ASN C 201 24.82 21.25 -23.11
C ASN C 201 24.38 20.45 -21.90
N VAL C 202 25.33 20.06 -21.05
CA VAL C 202 25.07 19.19 -19.92
C VAL C 202 25.07 20.04 -18.64
N ASN C 203 24.04 19.88 -17.83
CA ASN C 203 23.90 20.61 -16.57
C ASN C 203 23.59 19.61 -15.47
N HIS C 204 24.45 19.56 -14.46
CA HIS C 204 24.25 18.72 -13.28
C HIS C 204 24.18 19.65 -12.06
N LYS C 205 22.97 20.09 -11.74
CA LYS C 205 22.79 21.07 -10.67
C LYS C 205 23.27 20.60 -9.30
N PRO C 206 23.11 19.33 -8.89
CA PRO C 206 23.62 18.92 -7.57
C PRO C 206 25.10 19.23 -7.37
N SER C 207 25.93 19.07 -8.39
CA SER C 207 27.34 19.37 -8.30
C SER C 207 27.70 20.71 -8.92
N ASN C 208 26.70 21.47 -9.39
CA ASN C 208 26.90 22.78 -10.00
C ASN C 208 27.80 22.68 -11.23
N THR C 209 27.66 21.59 -11.98
CA THR C 209 28.49 21.32 -13.15
C THR C 209 27.75 21.73 -14.41
N LYS C 210 28.42 22.50 -15.26
CA LYS C 210 27.91 22.89 -16.58
C LYS C 210 29.00 22.57 -17.59
N VAL C 211 28.70 21.71 -18.56
CA VAL C 211 29.66 21.30 -19.57
C VAL C 211 29.03 21.46 -20.95
N ASP C 212 29.73 22.15 -21.83
CA ASP C 212 29.39 22.23 -23.26
C ASP C 212 30.41 21.42 -24.03
N LYS C 213 29.96 20.40 -24.74
CA LYS C 213 30.85 19.52 -25.49
C LYS C 213 30.51 19.57 -26.96
N LYS C 214 31.45 20.06 -27.77
CA LYS C 214 31.32 20.00 -29.22
C LYS C 214 31.59 18.58 -29.70
N VAL C 215 30.73 18.07 -30.57
CA VAL C 215 30.83 16.71 -31.08
C VAL C 215 31.13 16.81 -32.58
N GLU C 216 32.34 16.40 -32.96
CA GLU C 216 32.81 16.48 -34.34
C GLU C 216 33.12 15.09 -34.88
N PRO C 217 33.07 14.91 -36.20
CA PRO C 217 33.50 13.63 -36.79
C PRO C 217 34.96 13.35 -36.46
N LYS C 218 35.26 12.08 -36.21
CA LYS C 218 36.60 11.67 -35.81
C LYS C 218 37.47 11.35 -37.02
N ASP D 1 -4.65 -9.93 5.23
CA ASP D 1 -4.21 -8.79 4.43
C ASP D 1 -4.70 -8.91 3.00
N ILE D 2 -5.55 -7.97 2.58
CA ILE D 2 -6.08 -7.99 1.23
C ILE D 2 -4.94 -7.74 0.24
N GLN D 3 -5.09 -8.30 -0.97
CA GLN D 3 -4.09 -8.15 -2.02
C GLN D 3 -4.78 -7.71 -3.30
N MET D 4 -4.21 -6.71 -3.97
CA MET D 4 -4.75 -6.17 -5.20
C MET D 4 -3.82 -6.54 -6.35
N THR D 5 -4.39 -7.13 -7.40
CA THR D 5 -3.64 -7.59 -8.56
C THR D 5 -4.23 -6.96 -9.82
N GLN D 6 -3.38 -6.31 -10.62
CA GLN D 6 -3.80 -5.70 -11.86
C GLN D 6 -3.25 -6.49 -13.04
N SER D 7 -4.07 -6.61 -14.09
CA SER D 7 -3.72 -7.35 -15.29
C SER D 7 -4.33 -6.64 -16.48
N PRO D 8 -3.65 -6.63 -17.64
CA PRO D 8 -2.28 -7.16 -17.76
C PRO D 8 -1.26 -6.16 -17.24
N GLY D 9 0.01 -6.57 -17.19
CA GLY D 9 1.05 -5.61 -16.83
C GLY D 9 1.16 -4.48 -17.85
N THR D 10 1.05 -4.81 -19.12
CA THR D 10 1.12 -3.84 -20.21
C THR D 10 0.00 -4.13 -21.20
N LEU D 11 -0.73 -3.09 -21.59
CA LEU D 11 -1.81 -3.18 -22.56
C LEU D 11 -1.41 -2.39 -23.79
N SER D 12 -1.33 -3.06 -24.93
CA SER D 12 -0.89 -2.45 -26.19
C SER D 12 -2.10 -2.31 -27.11
N LEU D 13 -2.52 -1.06 -27.33
CA LEU D 13 -3.70 -0.78 -28.14
C LEU D 13 -3.44 0.48 -28.95
N SER D 14 -4.17 0.61 -30.05
CA SER D 14 -4.02 1.81 -30.84
C SER D 14 -4.97 2.90 -30.35
N PRO D 15 -4.63 4.17 -30.60
CA PRO D 15 -5.58 5.26 -30.32
C PRO D 15 -6.92 5.00 -30.98
N GLY D 16 -7.99 5.37 -30.29
CA GLY D 16 -9.35 5.14 -30.75
C GLY D 16 -9.94 3.81 -30.33
N GLU D 17 -9.14 2.90 -29.78
CA GLU D 17 -9.63 1.59 -29.39
C GLU D 17 -10.15 1.60 -27.96
N ARG D 18 -10.99 0.61 -27.66
CA ARG D 18 -11.57 0.44 -26.34
C ARG D 18 -10.61 -0.36 -25.46
N ALA D 19 -10.27 0.20 -24.30
CA ALA D 19 -9.34 -0.42 -23.37
C ALA D 19 -10.09 -0.95 -22.15
N THR D 20 -9.69 -2.12 -21.67
CA THR D 20 -10.28 -2.75 -20.50
C THR D 20 -9.16 -3.17 -19.56
N LEU D 21 -9.09 -2.53 -18.40
CA LEU D 21 -8.07 -2.78 -17.40
C LEU D 21 -8.70 -3.50 -16.21
N SER D 22 -8.01 -4.53 -15.71
CA SER D 22 -8.55 -5.38 -14.65
C SER D 22 -7.84 -5.11 -13.32
N CYS D 23 -8.64 -5.10 -12.26
CA CYS D 23 -8.13 -4.98 -10.90
C CYS D 23 -8.90 -5.98 -10.04
N ARG D 24 -8.18 -6.93 -9.45
CA ARG D 24 -8.80 -8.00 -8.69
C ARG D 24 -8.37 -7.94 -7.23
N ALA D 25 -9.33 -8.09 -6.33
CA ALA D 25 -9.07 -8.12 -4.91
C ALA D 25 -9.16 -9.56 -4.40
N SER D 26 -8.23 -9.92 -3.50
CA SER D 26 -8.26 -11.25 -2.92
C SER D 26 -9.45 -11.46 -1.98
N GLN D 27 -10.16 -10.39 -1.63
CA GLN D 27 -11.34 -10.46 -0.78
C GLN D 27 -12.45 -9.62 -1.40
N SER D 28 -13.68 -10.10 -1.26
CA SER D 28 -14.83 -9.40 -1.82
C SER D 28 -15.11 -8.14 -1.00
N VAL D 29 -15.03 -6.97 -1.65
CA VAL D 29 -15.10 -5.70 -0.95
C VAL D 29 -16.21 -4.84 -1.54
N SER D 30 -16.65 -3.87 -0.75
CA SER D 30 -17.65 -2.92 -1.20
C SER D 30 -17.09 -2.03 -2.31
N SER D 31 -17.94 -1.68 -3.27
CA SER D 31 -17.48 -0.88 -4.40
C SER D 31 -17.12 0.55 -3.99
N SER D 32 -17.53 1.00 -2.82
CA SER D 32 -17.18 2.34 -2.36
C SER D 32 -15.74 2.45 -1.88
N SER D 33 -15.02 1.32 -1.78
CA SER D 33 -13.67 1.31 -1.26
C SER D 33 -12.60 1.14 -2.34
N LEU D 34 -12.97 1.26 -3.61
CA LEU D 34 -12.07 1.01 -4.73
C LEU D 34 -11.99 2.26 -5.61
N ALA D 35 -10.77 2.73 -5.86
CA ALA D 35 -10.54 3.92 -6.66
C ALA D 35 -9.48 3.64 -7.72
N TRP D 36 -9.47 4.47 -8.76
CA TRP D 36 -8.50 4.38 -9.85
C TRP D 36 -7.73 5.68 -9.98
N TYR D 37 -6.44 5.57 -10.30
CA TYR D 37 -5.60 6.74 -10.51
C TYR D 37 -4.86 6.60 -11.84
N GLN D 38 -4.63 7.73 -12.47
CA GLN D 38 -3.83 7.81 -13.70
C GLN D 38 -2.52 8.52 -13.39
N GLN D 39 -1.43 7.99 -13.95
CA GLN D 39 -0.12 8.63 -13.80
C GLN D 39 0.58 8.63 -15.15
N LYS D 40 0.73 9.80 -15.74
CA LYS D 40 1.55 9.95 -16.93
C LYS D 40 3.03 10.00 -16.52
N HIS D 41 3.90 9.66 -17.48
CA HIS D 41 5.31 9.56 -17.19
C HIS D 41 5.87 10.90 -16.72
N GLY D 42 6.60 10.87 -15.60
CA GLY D 42 7.19 12.07 -15.06
C GLY D 42 6.26 12.97 -14.29
N GLN D 43 5.01 12.56 -14.09
CA GLN D 43 4.01 13.39 -13.42
C GLN D 43 3.46 12.66 -12.20
N ALA D 44 2.85 13.45 -11.32
CA ALA D 44 2.23 12.90 -10.13
C ALA D 44 0.93 12.17 -10.50
N PRO D 45 0.50 11.21 -9.69
CA PRO D 45 -0.80 10.58 -9.95
C PRO D 45 -1.93 11.59 -9.83
N ARG D 46 -3.04 11.27 -10.50
CA ARG D 46 -4.25 12.06 -10.33
C ARG D 46 -5.44 11.12 -10.23
N LEU D 47 -6.40 11.49 -9.37
CA LEU D 47 -7.59 10.68 -9.19
C LEU D 47 -8.38 10.61 -10.49
N LEU D 48 -8.75 9.38 -10.87
CA LEU D 48 -9.52 9.15 -12.08
C LEU D 48 -10.95 8.74 -11.78
N ILE D 49 -11.13 7.74 -10.91
CA ILE D 49 -12.43 7.22 -10.55
C ILE D 49 -12.43 6.90 -9.05
N TYR D 50 -13.51 7.26 -8.36
CA TYR D 50 -13.70 6.90 -6.98
C TYR D 50 -14.98 6.09 -6.83
N GLY D 51 -15.04 5.29 -5.78
CA GLY D 51 -16.21 4.45 -5.56
C GLY D 51 -16.52 3.54 -6.73
N THR D 52 -15.48 2.97 -7.34
CA THR D 52 -15.59 1.99 -8.43
C THR D 52 -16.09 2.59 -9.74
N SER D 53 -17.06 3.50 -9.69
CA SER D 53 -17.72 3.94 -10.93
C SER D 53 -17.94 5.44 -11.07
N SER D 54 -17.57 6.25 -10.08
CA SER D 54 -17.81 7.69 -10.16
C SER D 54 -16.57 8.39 -10.70
N ARG D 55 -16.75 9.14 -11.78
CA ARG D 55 -15.64 9.90 -12.34
C ARG D 55 -15.30 11.10 -11.46
N ALA D 56 -14.00 11.30 -11.22
CA ALA D 56 -13.56 12.48 -10.50
C ALA D 56 -13.80 13.74 -11.34
N THR D 57 -13.72 14.89 -10.69
CA THR D 57 -13.98 16.17 -11.36
C THR D 57 -13.03 16.35 -12.54
N GLY D 58 -13.61 16.76 -13.68
CA GLY D 58 -12.82 17.04 -14.86
C GLY D 58 -12.38 15.84 -15.67
N ILE D 59 -12.83 14.63 -15.32
CA ILE D 59 -12.46 13.42 -16.03
C ILE D 59 -13.46 13.19 -17.17
N PRO D 60 -12.99 12.98 -18.40
CA PRO D 60 -13.91 12.89 -19.54
C PRO D 60 -14.76 11.63 -19.50
N ASP D 61 -15.88 11.70 -20.24
CA ASP D 61 -16.90 10.65 -20.21
C ASP D 61 -16.38 9.30 -20.72
N ARG D 62 -15.31 9.28 -21.50
CA ARG D 62 -14.83 8.02 -22.06
C ARG D 62 -14.26 7.10 -20.98
N PHE D 63 -13.94 7.62 -19.81
CA PHE D 63 -13.52 6.79 -18.69
C PHE D 63 -14.74 6.32 -17.92
N SER D 64 -14.81 5.02 -17.66
CA SER D 64 -15.89 4.45 -16.86
C SER D 64 -15.31 3.33 -16.00
N GLY D 65 -15.99 3.06 -14.89
CA GLY D 65 -15.57 2.00 -13.99
C GLY D 65 -16.75 1.14 -13.62
N SER D 66 -16.46 -0.14 -13.37
CA SER D 66 -17.47 -1.09 -12.94
C SER D 66 -16.79 -2.18 -12.15
N GLY D 67 -17.59 -3.10 -11.62
CA GLY D 67 -17.08 -4.19 -10.82
C GLY D 67 -17.92 -4.46 -9.59
N SER D 68 -17.73 -5.63 -9.00
CA SER D 68 -18.44 -5.98 -7.78
C SER D 68 -17.65 -7.04 -7.05
N GLY D 69 -17.45 -6.83 -5.75
CA GLY D 69 -16.78 -7.82 -4.91
C GLY D 69 -15.29 -7.95 -5.15
N THR D 70 -14.90 -8.82 -6.09
CA THR D 70 -13.50 -9.14 -6.29
C THR D 70 -12.92 -8.66 -7.62
N ASP D 71 -13.74 -8.46 -8.64
CA ASP D 71 -13.28 -8.13 -9.98
C ASP D 71 -13.74 -6.73 -10.35
N PHE D 72 -12.79 -5.83 -10.57
CA PHE D 72 -13.07 -4.44 -10.92
C PHE D 72 -12.41 -4.10 -12.25
N THR D 73 -13.07 -3.25 -13.02
CA THR D 73 -12.66 -2.96 -14.39
C THR D 73 -12.67 -1.46 -14.65
N LEU D 74 -11.60 -0.95 -15.23
CA LEU D 74 -11.56 0.39 -15.79
C LEU D 74 -11.67 0.28 -17.31
N THR D 75 -12.62 1.02 -17.87
CA THR D 75 -12.86 1.00 -19.31
C THR D 75 -12.61 2.38 -19.90
N ILE D 76 -11.83 2.43 -20.97
CA ILE D 76 -11.58 3.65 -21.73
C ILE D 76 -12.18 3.45 -23.11
N SER D 77 -13.32 4.09 -23.37
CA SER D 77 -14.06 3.89 -24.62
C SER D 77 -13.50 4.85 -25.66
N GLY D 78 -12.46 4.41 -26.35
CA GLY D 78 -11.82 5.25 -27.35
C GLY D 78 -10.59 5.94 -26.80
N LEU D 79 -9.45 5.29 -26.87
CA LEU D 79 -8.20 5.86 -26.36
C LEU D 79 -7.82 7.11 -27.14
N GLU D 80 -7.58 8.19 -26.42
CA GLU D 80 -6.98 9.41 -26.92
C GLU D 80 -5.47 9.38 -26.68
N PRO D 81 -4.69 10.15 -27.44
CA PRO D 81 -3.23 10.13 -27.23
C PRO D 81 -2.79 10.38 -25.79
N GLU D 82 -3.52 11.24 -25.07
CA GLU D 82 -3.14 11.54 -23.69
C GLU D 82 -3.45 10.41 -22.72
N ASP D 83 -4.29 9.45 -23.12
CA ASP D 83 -4.70 8.37 -22.23
C ASP D 83 -3.63 7.31 -22.03
N PHE D 84 -2.60 7.27 -22.89
CA PHE D 84 -1.58 6.24 -22.77
C PHE D 84 -0.67 6.59 -21.60
N ALA D 85 -0.85 5.86 -20.51
CA ALA D 85 -0.22 6.16 -19.22
C ALA D 85 -0.30 4.92 -18.36
N VAL D 86 0.12 5.03 -17.10
CA VAL D 86 0.01 3.96 -16.13
C VAL D 86 -1.23 4.21 -15.27
N TYR D 87 -1.98 3.15 -14.98
CA TYR D 87 -3.20 3.24 -14.20
C TYR D 87 -3.09 2.33 -12.98
N TYR D 88 -3.40 2.87 -11.81
CA TYR D 88 -3.35 2.14 -10.55
C TYR D 88 -4.74 2.06 -9.95
N CYS D 89 -5.15 0.88 -9.53
CA CYS D 89 -6.30 0.78 -8.65
C CYS D 89 -5.82 0.82 -7.20
N GLN D 90 -6.77 1.07 -6.30
CA GLN D 90 -6.43 1.30 -4.90
C GLN D 90 -7.63 0.93 -4.05
N GLN D 91 -7.40 0.10 -3.02
CA GLN D 91 -8.45 -0.36 -2.13
C GLN D 91 -8.23 0.23 -0.75
N TYR D 92 -9.32 0.59 -0.08
CA TYR D 92 -9.28 1.14 1.27
C TYR D 92 -9.65 0.04 2.26
N GLY D 93 -8.63 -0.63 2.79
N GLY D 93 -8.63 -0.65 2.77
CA GLY D 93 -8.83 -1.63 3.82
CA GLY D 93 -8.85 -1.61 3.84
C GLY D 93 -8.36 -1.16 5.17
C GLY D 93 -8.85 -0.90 5.17
N SER D 94 -7.46 -1.92 5.80
N SER D 94 -7.81 -1.12 5.97
CA SER D 94 -6.81 -1.42 7.01
CA SER D 94 -7.51 -0.24 7.10
C SER D 94 -6.00 -0.16 6.72
C SER D 94 -6.61 0.91 6.67
N SER D 95 -5.56 -0.01 5.48
N SER D 95 -5.75 0.66 5.69
CA SER D 95 -4.91 1.21 5.01
CA SER D 95 -4.89 1.66 5.07
C SER D 95 -5.07 1.26 3.50
C SER D 95 -5.04 1.53 3.56
N PRO D 96 -4.80 2.41 2.88
N PRO D 96 -4.74 2.59 2.82
CA PRO D 96 -4.83 2.46 1.40
CA PRO D 96 -4.81 2.50 1.35
C PRO D 96 -3.78 1.52 0.81
C PRO D 96 -3.79 1.52 0.80
N LEU D 97 -4.23 0.71 -0.16
CA LEU D 97 -3.37 -0.29 -0.79
C LEU D 97 -3.50 -0.16 -2.30
N PHE D 98 -2.39 0.13 -2.97
CA PHE D 98 -2.38 0.28 -4.42
C PHE D 98 -2.05 -1.04 -5.10
N GLY D 99 -2.73 -1.30 -6.21
CA GLY D 99 -2.30 -2.37 -7.09
C GLY D 99 -0.98 -2.05 -7.75
N GLY D 100 -0.44 -3.05 -8.45
CA GLY D 100 0.85 -2.90 -9.10
C GLY D 100 0.87 -2.02 -10.33
N GLY D 101 -0.28 -1.68 -10.88
CA GLY D 101 -0.31 -0.77 -12.02
C GLY D 101 -0.34 -1.50 -13.34
N THR D 102 -1.02 -0.88 -14.30
CA THR D 102 -1.06 -1.35 -15.68
C THR D 102 -0.64 -0.21 -16.60
N LYS D 103 0.36 -0.46 -17.44
CA LYS D 103 0.79 0.52 -18.43
C LYS D 103 0.04 0.30 -19.73
N VAL D 104 -0.56 1.37 -20.26
CA VAL D 104 -1.24 1.33 -21.56
C VAL D 104 -0.31 2.01 -22.56
N GLU D 105 0.26 1.23 -23.47
CA GLU D 105 1.19 1.74 -24.47
C GLU D 105 0.54 1.70 -25.84
N ILE D 106 1.11 2.48 -26.75
CA ILE D 106 0.56 2.60 -28.10
C ILE D 106 1.04 1.42 -28.95
N LYS D 107 0.09 0.73 -29.58
CA LYS D 107 0.41 -0.30 -30.55
C LYS D 107 0.44 0.31 -31.94
N ARG D 108 1.59 0.22 -32.61
CA ARG D 108 1.77 0.75 -33.95
C ARG D 108 2.33 -0.35 -34.85
N THR D 109 2.56 0.00 -36.11
CA THR D 109 3.18 -0.94 -37.03
C THR D 109 4.61 -1.26 -36.58
N VAL D 110 5.09 -2.43 -37.01
CA VAL D 110 6.45 -2.83 -36.68
C VAL D 110 7.44 -1.88 -37.33
N ALA D 111 8.44 -1.46 -36.57
CA ALA D 111 9.48 -0.55 -37.04
C ALA D 111 10.83 -1.14 -36.69
N ALA D 112 11.66 -1.38 -37.70
CA ALA D 112 12.99 -1.93 -37.45
C ALA D 112 13.90 -0.85 -36.88
N PRO D 113 14.79 -1.21 -35.96
CA PRO D 113 15.72 -0.21 -35.42
C PRO D 113 16.84 0.12 -36.40
N SER D 114 17.25 1.38 -36.37
CA SER D 114 18.50 1.79 -36.99
C SER D 114 19.61 1.63 -35.96
N VAL D 115 20.67 0.93 -36.32
CA VAL D 115 21.72 0.54 -35.38
C VAL D 115 22.98 1.33 -35.68
N PHE D 116 23.56 1.93 -34.64
CA PHE D 116 24.82 2.66 -34.72
C PHE D 116 25.70 2.22 -33.57
N ILE D 117 27.00 2.12 -33.81
CA ILE D 117 27.97 1.79 -32.77
C ILE D 117 28.96 2.94 -32.65
N PHE D 118 29.34 3.27 -31.43
CA PHE D 118 30.27 4.34 -31.14
C PHE D 118 31.45 3.80 -30.36
N PRO D 119 32.68 3.92 -30.86
CA PRO D 119 33.85 3.53 -30.07
C PRO D 119 34.07 4.53 -28.94
N PRO D 120 34.88 4.18 -27.94
CA PRO D 120 35.18 5.14 -26.88
C PRO D 120 36.00 6.31 -27.44
N SER D 121 35.70 7.50 -26.93
CA SER D 121 36.44 8.69 -27.35
C SER D 121 37.86 8.65 -26.80
N ASP D 122 38.77 9.33 -27.51
CA ASP D 122 40.15 9.43 -27.03
C ASP D 122 40.22 10.13 -25.68
N GLU D 123 39.30 11.07 -25.42
CA GLU D 123 39.27 11.74 -24.13
C GLU D 123 39.02 10.76 -23.00
N GLN D 124 38.05 9.85 -23.17
CA GLN D 124 37.76 8.87 -22.13
C GLN D 124 38.93 7.91 -21.94
N LEU D 125 39.53 7.46 -23.04
CA LEU D 125 40.65 6.54 -22.94
C LEU D 125 41.79 7.11 -22.12
N LYS D 126 41.95 8.44 -22.13
CA LYS D 126 42.97 9.08 -21.31
C LYS D 126 42.73 8.86 -19.82
N SER D 127 41.48 8.66 -19.42
CA SER D 127 41.14 8.47 -18.01
C SER D 127 41.28 7.02 -17.55
N GLY D 128 41.54 6.08 -18.46
CA GLY D 128 41.72 4.69 -18.09
C GLY D 128 40.50 3.81 -18.24
N THR D 129 39.41 4.32 -18.82
CA THR D 129 38.19 3.56 -18.99
C THR D 129 37.75 3.68 -20.45
N ALA D 130 37.03 2.66 -20.93
CA ALA D 130 36.54 2.63 -22.30
C ALA D 130 35.08 2.23 -22.28
N SER D 131 34.21 3.10 -22.80
CA SER D 131 32.79 2.82 -22.95
C SER D 131 32.46 2.72 -24.43
N VAL D 132 31.84 1.60 -24.82
CA VAL D 132 31.38 1.38 -26.19
C VAL D 132 29.86 1.43 -26.18
N VAL D 133 29.30 2.26 -27.04
CA VAL D 133 27.86 2.52 -27.06
C VAL D 133 27.26 1.96 -28.34
N CYS D 134 26.17 1.20 -28.19
CA CYS D 134 25.38 0.71 -29.31
C CYS D 134 24.00 1.33 -29.22
N LEU D 135 23.57 1.96 -30.30
CA LEU D 135 22.30 2.69 -30.33
C LEU D 135 21.31 1.99 -31.25
N LEU D 136 20.11 1.73 -30.74
CA LEU D 136 18.99 1.20 -31.51
C LEU D 136 17.94 2.30 -31.56
N ASN D 137 17.69 2.83 -32.76
CA ASN D 137 16.93 4.08 -32.90
C ASN D 137 15.58 3.83 -33.55
N ASN D 138 14.52 4.31 -32.87
CA ASN D 138 13.17 4.39 -33.41
C ASN D 138 12.67 3.03 -33.93
N PHE D 139 12.36 2.15 -32.97
CA PHE D 139 11.88 0.82 -33.30
C PHE D 139 10.62 0.51 -32.51
N TYR D 140 9.86 -0.47 -33.03
CA TYR D 140 8.67 -0.99 -32.34
C TYR D 140 8.47 -2.41 -32.84
N PRO D 141 8.11 -3.36 -31.96
CA PRO D 141 7.82 -3.21 -30.53
C PRO D 141 9.04 -3.02 -29.64
N ARG D 142 8.79 -2.89 -28.34
CA ARG D 142 9.85 -2.56 -27.39
C ARG D 142 10.85 -3.68 -27.23
N GLU D 143 10.44 -4.93 -27.48
CA GLU D 143 11.30 -6.08 -27.25
C GLU D 143 12.41 -6.12 -28.29
N ALA D 144 13.66 -6.20 -27.81
CA ALA D 144 14.83 -6.25 -28.67
C ALA D 144 15.97 -6.89 -27.90
N LYS D 145 16.92 -7.45 -28.64
CA LYS D 145 18.05 -8.16 -28.06
C LYS D 145 19.34 -7.58 -28.59
N VAL D 146 20.20 -7.10 -27.69
CA VAL D 146 21.52 -6.58 -28.03
C VAL D 146 22.55 -7.57 -27.52
N GLN D 147 23.36 -8.12 -28.41
CA GLN D 147 24.43 -9.04 -28.06
C GLN D 147 25.77 -8.38 -28.40
N TRP D 148 26.56 -8.11 -27.35
CA TRP D 148 27.90 -7.58 -27.55
C TRP D 148 28.86 -8.72 -27.90
N LYS D 149 29.71 -8.48 -28.90
CA LYS D 149 30.70 -9.45 -29.32
C LYS D 149 32.07 -8.78 -29.38
N VAL D 150 33.06 -9.40 -28.76
CA VAL D 150 34.41 -8.86 -28.69
C VAL D 150 35.36 -9.91 -29.24
N ASP D 151 35.92 -9.64 -30.42
CA ASP D 151 36.69 -10.64 -31.17
C ASP D 151 35.90 -11.95 -31.31
N ASN D 152 34.61 -11.81 -31.59
CA ASN D 152 33.62 -12.86 -31.78
C ASN D 152 33.24 -13.57 -30.48
N ALA D 153 33.80 -13.18 -29.33
CA ALA D 153 33.36 -13.73 -28.06
C ALA D 153 32.13 -12.99 -27.58
N LEU D 154 31.08 -13.75 -27.25
CA LEU D 154 29.86 -13.15 -26.73
C LEU D 154 30.10 -12.60 -25.33
N GLN D 155 29.93 -11.28 -25.17
CA GLN D 155 30.19 -10.61 -23.90
C GLN D 155 28.92 -10.53 -23.09
N SER D 156 28.99 -11.01 -21.84
CA SER D 156 27.87 -10.94 -20.92
C SER D 156 28.37 -10.44 -19.56
N GLY D 157 27.55 -9.63 -18.91
CA GLY D 157 27.84 -9.21 -17.54
C GLY D 157 28.60 -7.91 -17.40
N ASN D 158 28.90 -7.22 -18.49
CA ASN D 158 29.59 -5.94 -18.42
C ASN D 158 28.94 -4.91 -19.33
N SER D 159 27.62 -5.00 -19.51
CA SER D 159 26.89 -4.04 -20.32
C SER D 159 25.59 -3.69 -19.61
N GLN D 160 25.10 -2.48 -19.88
CA GLN D 160 23.84 -2.01 -19.31
C GLN D 160 23.01 -1.35 -20.41
N GLU D 161 21.68 -1.50 -20.31
CA GLU D 161 20.76 -1.02 -21.31
C GLU D 161 19.83 0.05 -20.73
N SER D 162 19.34 0.92 -21.60
CA SER D 162 18.39 1.95 -21.24
C SER D 162 17.46 2.18 -22.42
N VAL D 163 16.16 2.29 -22.15
CA VAL D 163 15.15 2.46 -23.19
CA VAL D 163 15.15 2.46 -23.19
C VAL D 163 14.37 3.73 -22.89
N THR D 164 14.18 4.55 -23.92
CA THR D 164 13.40 5.78 -23.76
C THR D 164 11.91 5.45 -23.65
N GLU D 165 11.14 6.43 -23.21
CA GLU D 165 9.70 6.31 -23.27
C GLU D 165 9.23 6.36 -24.72
N GLN D 166 8.02 5.88 -24.95
CA GLN D 166 7.47 5.84 -26.31
C GLN D 166 7.40 7.25 -26.87
N ASP D 167 7.90 7.42 -28.09
CA ASP D 167 8.00 8.74 -28.69
C ASP D 167 6.62 9.35 -28.90
N SER D 168 6.50 10.65 -28.59
CA SER D 168 5.22 11.33 -28.70
C SER D 168 4.75 11.49 -30.14
N LYS D 169 5.65 11.38 -31.11
CA LYS D 169 5.32 11.64 -32.50
C LYS D 169 5.19 10.40 -33.37
N ASP D 170 6.08 9.41 -33.22
CA ASP D 170 5.99 8.20 -34.00
C ASP D 170 5.81 6.93 -33.16
N SER D 171 5.68 7.07 -31.84
CA SER D 171 5.36 5.97 -30.93
C SER D 171 6.41 4.86 -30.95
N THR D 172 7.65 5.18 -31.33
CA THR D 172 8.72 4.19 -31.31
C THR D 172 9.51 4.29 -30.02
N TYR D 173 10.35 3.28 -29.78
CA TYR D 173 11.31 3.31 -28.70
C TYR D 173 12.73 3.44 -29.27
N SER D 174 13.64 3.87 -28.41
CA SER D 174 15.06 3.82 -28.71
C SER D 174 15.79 3.21 -27.52
N LEU D 175 16.90 2.53 -27.81
CA LEU D 175 17.66 1.82 -26.79
C LEU D 175 19.14 2.14 -26.95
N SER D 176 19.83 2.32 -25.82
CA SER D 176 21.28 2.43 -25.80
C SER D 176 21.83 1.32 -24.91
N SER D 177 22.87 0.65 -25.41
CA SER D 177 23.59 -0.36 -24.64
C SER D 177 25.04 0.08 -24.53
N THR D 178 25.56 0.11 -23.31
CA THR D 178 26.91 0.58 -23.04
C THR D 178 27.76 -0.59 -22.53
N LEU D 179 28.83 -0.90 -23.25
CA LEU D 179 29.81 -1.88 -22.84
C LEU D 179 30.98 -1.15 -22.19
N THR D 180 31.28 -1.49 -20.94
CA THR D 180 32.31 -0.80 -20.17
C THR D 180 33.48 -1.73 -19.90
N LEU D 181 34.68 -1.28 -20.27
CA LEU D 181 35.91 -1.99 -20.01
C LEU D 181 36.95 -1.03 -19.47
N SER D 182 37.95 -1.57 -18.79
CA SER D 182 39.14 -0.79 -18.50
C SER D 182 39.88 -0.51 -19.81
N LYS D 183 40.70 0.53 -19.80
CA LYS D 183 41.52 0.84 -20.96
C LYS D 183 42.42 -0.35 -21.31
N ALA D 184 42.99 -1.00 -20.29
CA ALA D 184 43.86 -2.14 -20.52
C ALA D 184 43.10 -3.31 -21.14
N ASP D 185 41.85 -3.53 -20.72
CA ASP D 185 41.06 -4.58 -21.33
C ASP D 185 40.64 -4.22 -22.75
N TYR D 186 40.28 -2.96 -22.97
CA TYR D 186 39.87 -2.53 -24.30
C TYR D 186 40.99 -2.70 -25.32
N GLU D 187 42.23 -2.52 -24.90
CA GLU D 187 43.37 -2.64 -25.81
C GLU D 187 43.75 -4.09 -26.10
N LYS D 188 43.16 -5.05 -25.40
CA LYS D 188 43.44 -6.46 -25.64
C LYS D 188 42.65 -7.04 -26.80
N HIS D 189 41.79 -6.25 -27.45
CA HIS D 189 40.86 -6.78 -28.44
C HIS D 189 40.80 -5.84 -29.63
N LYS D 190 40.40 -6.40 -30.77
CA LYS D 190 40.36 -5.66 -32.02
C LYS D 190 38.93 -5.37 -32.49
N VAL D 191 38.10 -6.38 -32.64
CA VAL D 191 36.78 -6.23 -33.25
C VAL D 191 35.73 -6.09 -32.15
N TYR D 192 35.04 -4.95 -32.15
CA TYR D 192 33.92 -4.69 -31.24
C TYR D 192 32.65 -4.59 -32.05
N ALA D 193 31.63 -5.35 -31.65
CA ALA D 193 30.40 -5.45 -32.42
C ALA D 193 29.21 -5.57 -31.48
N CYS D 194 28.07 -5.02 -31.92
CA CYS D 194 26.78 -5.31 -31.29
C CYS D 194 25.85 -5.90 -32.34
N GLU D 195 25.26 -7.04 -32.01
CA GLU D 195 24.34 -7.75 -32.89
C GLU D 195 22.93 -7.55 -32.36
N VAL D 196 22.06 -7.01 -33.20
CA VAL D 196 20.71 -6.61 -32.80
C VAL D 196 19.70 -7.57 -33.40
N THR D 197 18.85 -8.14 -32.55
CA THR D 197 17.74 -8.99 -32.96
C THR D 197 16.44 -8.27 -32.63
N HIS D 198 15.54 -8.20 -33.62
CA HIS D 198 14.27 -7.50 -33.44
C HIS D 198 13.27 -8.05 -34.44
N GLN D 199 11.98 -7.99 -34.05
CA GLN D 199 10.92 -8.51 -34.90
C GLN D 199 10.93 -7.88 -36.29
N GLY D 200 11.32 -6.62 -36.39
CA GLY D 200 11.39 -5.93 -37.66
C GLY D 200 12.58 -6.28 -38.53
N LEU D 201 13.49 -7.12 -38.04
CA LEU D 201 14.67 -7.55 -38.79
C LEU D 201 14.51 -9.03 -39.15
N SER D 202 14.63 -9.32 -40.46
CA SER D 202 14.53 -10.71 -40.90
C SER D 202 15.69 -11.55 -40.37
N SER D 203 16.87 -10.96 -40.25
CA SER D 203 18.04 -11.59 -39.68
C SER D 203 18.74 -10.56 -38.80
N PRO D 204 19.56 -11.00 -37.85
CA PRO D 204 20.23 -10.04 -36.96
C PRO D 204 21.10 -9.07 -37.73
N VAL D 205 21.17 -7.83 -37.21
CA VAL D 205 21.99 -6.77 -37.79
C VAL D 205 23.17 -6.54 -36.87
N THR D 206 24.37 -6.48 -37.45
CA THR D 206 25.60 -6.29 -36.69
C THR D 206 26.31 -5.03 -37.17
N LYS D 207 26.61 -4.14 -36.24
CA LYS D 207 27.50 -3.01 -36.48
C LYS D 207 28.78 -3.23 -35.70
N SER D 208 29.91 -2.90 -36.31
CA SER D 208 31.19 -3.18 -35.68
C SER D 208 32.23 -2.16 -36.11
N PHE D 209 33.37 -2.19 -35.41
CA PHE D 209 34.54 -1.41 -35.77
C PHE D 209 35.78 -2.16 -35.31
N ASN D 210 36.90 -1.86 -35.96
CA ASN D 210 38.21 -2.40 -35.57
C ASN D 210 38.94 -1.33 -34.77
N ARG D 211 39.32 -1.69 -33.53
CA ARG D 211 39.98 -0.73 -32.65
C ARG D 211 41.24 -0.18 -33.30
N GLY D 212 41.36 1.15 -33.30
CA GLY D 212 42.50 1.80 -33.91
C GLY D 212 42.34 2.12 -35.38
N GLU D 213 41.12 2.09 -35.90
CA GLU D 213 40.87 2.38 -37.31
C GLU D 213 39.66 3.30 -37.48
#